data_1P4D
#
_entry.id   1P4D
#
_cell.length_a   128.219
_cell.length_b   128.219
_cell.length_c   121.184
_cell.angle_alpha   90.00
_cell.angle_beta   90.00
_cell.angle_gamma   120.00
#
_symmetry.space_group_name_H-M   'P 31 2 1'
#
loop_
_entity.id
_entity.type
_entity.pdbx_description
1 polymer 'TraI protein'
2 non-polymer 'MAGNESIUM ION'
3 non-polymer 1,2-ETHANEDIOL
4 water water
#
_entity_poly.entity_id   1
_entity_poly.type   'polypeptide(L)'
_entity_poly.pdbx_seq_one_letter_code
;MMSIAQVRSAGSAGNYYTDKDNYYVLGSMGERWAGRGAEQLGLQGSVDKDVFTRLLEGRLPDGADLSRMQDGSNRHRPGY
DLTFSAPKSVSMMAMLGGDKRLIDAHNQAVDFAVRQVEALASTRVMTDGQSETVLTGNLVMALFNHDTSRDQEPQLHTHA
VVANVTQHNGEWKTLSSDKVGKTGFIENVYANQIAFGRLYREKLKEQVEALGYETEVVGKHGMWEMPGVPVEAFSGRSQT
IREAVGEDASLKSRDVAALDTRKSKQHVDPEIKMAEWMQTLKETGFDIRAYRDAADQRADLRTLTPGPASQDGPDVQQAV
TQAIAGLSER
;
_entity_poly.pdbx_strand_id   A,B,C
#
loop_
_chem_comp.id
_chem_comp.type
_chem_comp.name
_chem_comp.formula
EDO non-polymer 1,2-ETHANEDIOL 'C2 H6 O2'
MG non-polymer 'MAGNESIUM ION' 'Mg 2'
#
# COMPACT_ATOMS: atom_id res chain seq x y z
N MET A 1 17.02 -8.61 -1.40
CA MET A 1 17.96 -9.39 -0.56
C MET A 1 17.55 -9.38 0.90
N MET A 2 18.50 -9.72 1.76
CA MET A 2 18.28 -9.74 3.20
C MET A 2 19.42 -8.99 3.87
N SER A 3 19.10 -7.94 4.59
CA SER A 3 20.12 -7.21 5.31
C SER A 3 20.00 -7.66 6.77
N ILE A 4 21.07 -7.48 7.53
CA ILE A 4 21.05 -7.89 8.91
C ILE A 4 21.42 -6.70 9.74
N ALA A 5 20.82 -6.59 10.92
CA ALA A 5 21.12 -5.49 11.82
C ALA A 5 20.62 -5.82 13.23
N GLN A 6 21.26 -5.20 14.20
CA GLN A 6 20.89 -5.39 15.58
C GLN A 6 19.47 -4.84 15.65
N VAL A 7 18.61 -5.44 16.46
CA VAL A 7 17.25 -4.90 16.54
C VAL A 7 17.31 -3.60 17.34
N ARG A 8 16.42 -2.69 16.99
CA ARG A 8 16.39 -1.38 17.64
C ARG A 8 15.82 -1.37 19.06
N SER A 9 16.66 -0.95 20.00
CA SER A 9 16.31 -0.86 21.43
C SER A 9 14.87 -1.16 21.80
N ALA A 10 14.70 -2.07 22.75
CA ALA A 10 13.37 -2.45 23.20
C ALA A 10 12.50 -1.23 23.48
N GLY A 11 13.13 -0.12 23.85
CA GLY A 11 12.37 1.09 24.13
C GLY A 11 11.57 1.61 22.94
N SER A 12 12.28 2.16 21.96
CA SER A 12 11.63 2.72 20.77
C SER A 12 11.28 1.73 19.66
N ALA A 13 11.67 0.47 19.83
CA ALA A 13 11.40 -0.56 18.82
C ALA A 13 9.94 -0.59 18.36
N GLY A 14 9.04 -0.75 19.33
CA GLY A 14 7.63 -0.82 19.03
C GLY A 14 7.12 0.22 18.06
N ASN A 15 7.23 1.48 18.44
CA ASN A 15 6.73 2.54 17.57
C ASN A 15 7.53 2.64 16.28
N TYR A 16 8.81 2.28 16.34
CA TYR A 16 9.65 2.33 15.17
C TYR A 16 9.18 1.36 14.08
N TYR A 17 8.76 0.16 14.48
CA TYR A 17 8.30 -0.83 13.50
C TYR A 17 6.82 -0.72 13.19
N THR A 18 6.05 -0.02 14.03
CA THR A 18 4.60 0.03 13.81
C THR A 18 3.84 1.33 13.54
N ASP A 19 4.43 2.49 13.76
CA ASP A 19 3.64 3.70 13.51
C ASP A 19 3.22 3.72 12.05
N LYS A 20 1.93 3.98 11.84
CA LYS A 20 1.31 4.00 10.51
C LYS A 20 2.11 4.57 9.34
N ASP A 21 2.96 5.55 9.60
CA ASP A 21 3.73 6.16 8.53
C ASP A 21 4.74 5.28 7.79
N ASN A 22 4.92 4.03 8.24
CA ASN A 22 5.87 3.12 7.57
C ASN A 22 5.18 2.23 6.57
N TYR A 23 3.84 2.22 6.59
CA TYR A 23 3.09 1.37 5.69
C TYR A 23 1.90 2.06 5.02
N TYR A 24 1.90 3.39 5.04
CA TYR A 24 0.82 4.20 4.48
C TYR A 24 0.42 3.81 3.05
N VAL A 25 1.39 3.73 2.13
CA VAL A 25 1.06 3.37 0.76
C VAL A 25 0.52 1.95 0.65
N LEU A 26 0.97 1.07 1.53
CA LEU A 26 0.51 -0.31 1.52
C LEU A 26 -0.93 -0.38 2.03
N GLY A 27 -1.23 0.47 3.01
CA GLY A 27 -2.56 0.48 3.58
C GLY A 27 -2.52 -0.11 4.96
N SER A 28 -2.14 -1.39 5.04
CA SER A 28 -2.01 -2.09 6.31
C SER A 28 -0.55 -2.47 6.50
N MET A 29 -0.19 -2.72 7.75
CA MET A 29 1.17 -3.12 8.09
C MET A 29 1.34 -4.62 7.87
N GLY A 30 0.23 -5.31 7.62
CA GLY A 30 0.26 -6.75 7.40
C GLY A 30 1.13 -7.51 8.38
N GLU A 31 1.34 -6.94 9.57
CA GLU A 31 2.18 -7.53 10.61
C GLU A 31 1.64 -8.83 11.21
N ARG A 32 2.56 -9.71 11.58
CA ARG A 32 2.17 -10.98 12.18
C ARG A 32 3.31 -11.72 12.89
N TRP A 33 2.94 -12.58 13.84
CA TRP A 33 3.91 -13.37 14.58
C TRP A 33 4.34 -14.53 13.69
N ALA A 34 5.55 -15.04 13.90
CA ALA A 34 5.99 -16.16 13.10
C ALA A 34 6.95 -16.97 13.92
N GLY A 35 7.17 -18.21 13.51
CA GLY A 35 8.11 -19.06 14.23
C GLY A 35 7.48 -20.07 15.20
N ARG A 36 8.10 -21.24 15.28
CA ARG A 36 7.67 -22.29 16.19
C ARG A 36 7.51 -21.75 17.62
N GLY A 37 8.43 -20.89 18.04
CA GLY A 37 8.39 -20.30 19.37
C GLY A 37 7.18 -19.41 19.63
N ALA A 38 6.81 -18.59 18.66
CA ALA A 38 5.67 -17.71 18.84
C ALA A 38 4.43 -18.57 19.05
N GLU A 39 4.38 -19.68 18.31
CA GLU A 39 3.25 -20.57 18.42
C GLU A 39 3.21 -21.19 19.82
N GLN A 40 4.39 -21.50 20.35
CA GLN A 40 4.47 -22.11 21.67
C GLN A 40 3.98 -21.15 22.76
N LEU A 41 4.14 -19.84 22.53
CA LEU A 41 3.70 -18.85 23.51
C LEU A 41 2.26 -18.42 23.24
N GLY A 42 1.63 -19.03 22.25
CA GLY A 42 0.26 -18.67 21.91
C GLY A 42 0.19 -17.32 21.21
N LEU A 43 1.26 -16.95 20.53
CA LEU A 43 1.30 -15.69 19.80
C LEU A 43 0.99 -15.99 18.34
N GLN A 44 -0.20 -15.58 17.88
CA GLN A 44 -0.61 -15.80 16.49
C GLN A 44 -1.34 -14.58 15.90
N GLY A 45 -1.04 -14.30 14.63
CA GLY A 45 -1.68 -13.19 13.96
C GLY A 45 -1.21 -11.80 14.30
N SER A 46 -2.15 -10.86 14.38
CA SER A 46 -1.84 -9.47 14.70
C SER A 46 -0.92 -9.36 15.90
N VAL A 47 -0.01 -8.38 15.84
CA VAL A 47 0.96 -8.18 16.91
C VAL A 47 0.69 -7.04 17.86
N ASP A 48 0.62 -7.35 19.14
CA ASP A 48 0.39 -6.37 20.19
C ASP A 48 1.71 -5.64 20.47
N LYS A 49 1.71 -4.32 20.29
CA LYS A 49 2.92 -3.53 20.52
C LYS A 49 3.51 -3.75 21.92
N ASP A 50 2.65 -3.83 22.94
CA ASP A 50 3.12 -4.02 24.30
C ASP A 50 3.76 -5.39 24.54
N VAL A 51 3.16 -6.43 23.97
CA VAL A 51 3.72 -7.77 24.12
C VAL A 51 5.06 -7.84 23.38
N PHE A 52 5.13 -7.15 22.24
CA PHE A 52 6.32 -7.12 21.40
C PHE A 52 7.47 -6.46 22.17
N THR A 53 7.22 -5.28 22.72
CA THR A 53 8.21 -4.55 23.49
C THR A 53 8.72 -5.43 24.61
N ARG A 54 7.79 -6.02 25.35
CA ARG A 54 8.14 -6.88 26.47
C ARG A 54 9.07 -8.00 25.97
N LEU A 55 8.67 -8.61 24.86
CA LEU A 55 9.44 -9.69 24.26
C LEU A 55 10.88 -9.25 24.02
N LEU A 56 11.04 -8.02 23.55
CA LEU A 56 12.37 -7.50 23.29
C LEU A 56 13.17 -7.33 24.59
N GLU A 57 12.47 -7.16 25.71
CA GLU A 57 13.12 -7.01 27.01
C GLU A 57 13.45 -8.36 27.66
N GLY A 58 12.87 -9.43 27.14
CA GLY A 58 13.13 -10.75 27.70
C GLY A 58 11.94 -11.30 28.46
N ARG A 59 10.95 -10.44 28.67
CA ARG A 59 9.74 -10.84 29.37
C ARG A 59 8.79 -11.53 28.38
N LEU A 60 8.62 -12.84 28.55
CA LEU A 60 7.74 -13.60 27.67
C LEU A 60 6.34 -13.67 28.24
N PRO A 61 5.35 -13.96 27.39
CA PRO A 61 3.98 -14.03 27.88
C PRO A 61 3.64 -15.22 28.77
N ASP A 62 4.56 -16.16 28.93
CA ASP A 62 4.28 -17.32 29.79
C ASP A 62 4.96 -17.20 31.15
N GLY A 63 5.41 -16.01 31.51
CA GLY A 63 6.05 -15.83 32.80
C GLY A 63 7.56 -15.79 32.76
N ALA A 64 8.15 -16.55 31.83
CA ALA A 64 9.60 -16.60 31.69
C ALA A 64 10.19 -15.20 31.57
N ASP A 65 11.35 -15.00 32.19
CA ASP A 65 12.02 -13.71 32.18
C ASP A 65 13.53 -13.90 32.04
N LEU A 66 14.09 -13.38 30.96
CA LEU A 66 15.52 -13.48 30.72
C LEU A 66 16.17 -12.10 30.86
N SER A 67 15.42 -11.13 31.36
CA SER A 67 15.97 -9.80 31.50
C SER A 67 17.12 -9.81 32.52
N ARG A 68 18.03 -8.87 32.36
CA ARG A 68 19.18 -8.74 33.25
C ARG A 68 19.37 -7.28 33.63
N MET A 69 18.69 -6.85 34.69
CA MET A 69 18.85 -5.46 35.11
C MET A 69 20.21 -5.31 35.78
N GLN A 70 20.93 -4.28 35.36
CA GLN A 70 22.27 -4.00 35.86
C GLN A 70 22.48 -2.49 35.83
N ASP A 71 22.56 -1.89 37.02
CA ASP A 71 22.78 -0.45 37.14
C ASP A 71 21.83 0.41 36.34
N GLY A 72 20.54 0.07 36.35
CA GLY A 72 19.57 0.88 35.64
C GLY A 72 19.21 0.50 34.21
N SER A 73 19.93 -0.45 33.63
CA SER A 73 19.61 -0.86 32.26
C SER A 73 19.60 -2.38 32.09
N ASN A 74 18.79 -2.84 31.14
CA ASN A 74 18.66 -4.27 30.85
C ASN A 74 19.82 -4.66 29.95
N ARG A 75 20.54 -5.71 30.30
CA ARG A 75 21.68 -6.10 29.51
C ARG A 75 21.41 -7.29 28.60
N HIS A 76 20.14 -7.67 28.51
CA HIS A 76 19.73 -8.75 27.64
C HIS A 76 19.59 -8.13 26.24
N ARG A 77 20.28 -8.72 25.27
CA ARG A 77 20.23 -8.22 23.90
C ARG A 77 18.80 -8.44 23.38
N PRO A 78 18.17 -7.38 22.85
CA PRO A 78 16.80 -7.46 22.33
C PRO A 78 16.60 -8.48 21.21
N GLY A 79 17.55 -8.53 20.26
CA GLY A 79 17.41 -9.46 19.16
C GLY A 79 17.93 -8.94 17.84
N TYR A 80 17.36 -9.46 16.75
CA TYR A 80 17.83 -9.08 15.42
C TYR A 80 16.76 -8.72 14.41
N ASP A 81 17.16 -7.90 13.45
CA ASP A 81 16.28 -7.45 12.40
C ASP A 81 16.76 -7.98 11.05
N LEU A 82 16.03 -8.93 10.49
CA LEU A 82 16.38 -9.48 9.19
C LEU A 82 15.40 -8.85 8.21
N THR A 83 15.89 -7.89 7.42
CA THR A 83 15.07 -7.16 6.46
C THR A 83 15.08 -7.66 5.01
N PHE A 84 13.94 -8.15 4.53
CA PHE A 84 13.79 -8.66 3.18
C PHE A 84 13.17 -7.57 2.29
N SER A 85 13.92 -7.15 1.27
CA SER A 85 13.47 -6.11 0.35
C SER A 85 13.16 -6.68 -1.03
N ALA A 86 12.05 -6.24 -1.61
CA ALA A 86 11.68 -6.70 -2.93
C ALA A 86 12.41 -5.87 -4.00
N PRO A 87 12.48 -6.39 -5.24
CA PRO A 87 13.18 -5.57 -6.23
C PRO A 87 12.32 -4.36 -6.61
N LYS A 88 13.00 -3.28 -6.95
CA LYS A 88 12.36 -2.03 -7.31
C LYS A 88 11.13 -2.16 -8.22
N SER A 89 11.26 -2.86 -9.34
CA SER A 89 10.12 -2.98 -10.23
C SER A 89 8.91 -3.56 -9.50
N VAL A 90 9.11 -4.62 -8.71
CA VAL A 90 8.02 -5.26 -7.96
C VAL A 90 7.37 -4.26 -7.00
N SER A 91 8.19 -3.49 -6.29
CA SER A 91 7.66 -2.48 -5.36
C SER A 91 6.77 -1.49 -6.09
N MET A 92 7.22 -1.05 -7.26
CA MET A 92 6.49 -0.08 -8.07
C MET A 92 5.18 -0.64 -8.61
N MET A 93 5.24 -1.84 -9.15
CA MET A 93 4.08 -2.49 -9.74
C MET A 93 3.08 -2.82 -8.67
N ALA A 94 3.58 -3.05 -7.46
CA ALA A 94 2.71 -3.38 -6.35
C ALA A 94 2.00 -2.16 -5.81
N MET A 95 2.77 -1.15 -5.40
CA MET A 95 2.16 0.03 -4.79
C MET A 95 1.89 1.25 -5.65
N LEU A 96 2.31 1.21 -6.91
CA LEU A 96 2.08 2.31 -7.85
C LEU A 96 1.22 1.75 -8.97
N GLY A 97 1.39 0.45 -9.25
CA GLY A 97 0.61 -0.21 -10.28
C GLY A 97 -0.63 -0.90 -9.71
N GLY A 98 -0.82 -0.74 -8.39
CA GLY A 98 -1.95 -1.35 -7.72
C GLY A 98 -2.14 -2.86 -7.77
N ASP A 99 -1.12 -3.63 -8.16
CA ASP A 99 -1.27 -5.09 -8.20
C ASP A 99 -0.91 -5.69 -6.84
N LYS A 100 -1.91 -5.83 -5.99
CA LYS A 100 -1.71 -6.33 -4.65
C LYS A 100 -1.32 -7.78 -4.49
N ARG A 101 -1.55 -8.62 -5.49
CA ARG A 101 -1.17 -9.98 -5.28
C ARG A 101 0.36 -10.10 -5.28
N LEU A 102 1.03 -8.99 -5.59
CA LEU A 102 2.49 -8.97 -5.56
C LEU A 102 2.89 -8.82 -4.08
N ILE A 103 2.08 -8.11 -3.29
CA ILE A 103 2.34 -7.99 -1.86
C ILE A 103 2.24 -9.44 -1.32
N ASP A 104 1.21 -10.17 -1.71
CA ASP A 104 1.10 -11.55 -1.25
C ASP A 104 2.31 -12.38 -1.65
N ALA A 105 2.74 -12.24 -2.92
CA ALA A 105 3.89 -12.98 -3.44
C ALA A 105 5.08 -12.74 -2.54
N HIS A 106 5.30 -11.48 -2.20
CA HIS A 106 6.38 -11.07 -1.34
C HIS A 106 6.22 -11.75 0.01
N ASN A 107 5.04 -11.57 0.62
CA ASN A 107 4.75 -12.18 1.91
C ASN A 107 5.09 -13.67 1.82
N GLN A 108 4.69 -14.30 0.73
CA GLN A 108 4.97 -15.71 0.63
C GLN A 108 6.46 -16.00 0.56
N ALA A 109 7.22 -15.08 -0.03
CA ALA A 109 8.67 -15.28 -0.15
C ALA A 109 9.35 -15.12 1.21
N VAL A 110 8.90 -14.15 1.98
CA VAL A 110 9.47 -13.91 3.29
C VAL A 110 9.21 -15.13 4.20
N ASP A 111 7.96 -15.60 4.23
CA ASP A 111 7.61 -16.75 5.06
C ASP A 111 8.58 -17.87 4.74
N PHE A 112 8.77 -18.09 3.46
CA PHE A 112 9.64 -19.14 2.98
C PHE A 112 11.10 -19.04 3.45
N ALA A 113 11.67 -17.85 3.38
CA ALA A 113 13.05 -17.64 3.76
C ALA A 113 13.22 -17.72 5.27
N VAL A 114 12.25 -17.16 5.95
CA VAL A 114 12.27 -17.09 7.39
C VAL A 114 12.20 -18.47 8.03
N ARG A 115 11.54 -19.40 7.35
N ARG A 115 11.54 -19.42 7.38
CA ARG A 115 11.40 -20.78 7.82
CA ARG A 115 11.46 -20.77 7.94
C ARG A 115 12.77 -21.46 7.76
C ARG A 115 12.82 -21.45 7.80
N GLN A 116 13.58 -21.06 6.79
CA GLN A 116 14.91 -21.63 6.60
C GLN A 116 15.83 -21.06 7.68
N VAL A 117 15.66 -19.77 7.96
CA VAL A 117 16.47 -19.09 8.98
C VAL A 117 16.28 -19.80 10.33
N GLU A 118 15.03 -20.15 10.61
CA GLU A 118 14.67 -20.81 11.85
C GLU A 118 15.43 -22.11 12.12
N ALA A 119 15.81 -22.82 11.06
CA ALA A 119 16.54 -24.08 11.23
C ALA A 119 17.94 -23.85 11.82
N LEU A 120 18.38 -22.60 11.84
CA LEU A 120 19.68 -22.26 12.40
C LEU A 120 19.59 -21.89 13.89
N ALA A 121 18.37 -21.75 14.40
CA ALA A 121 18.18 -21.39 15.80
C ALA A 121 19.01 -22.32 16.68
N SER A 122 19.63 -21.75 17.71
CA SER A 122 20.45 -22.56 18.59
C SER A 122 20.78 -21.80 19.87
N THR A 123 21.57 -22.43 20.73
CA THR A 123 21.96 -21.80 21.97
C THR A 123 23.21 -22.49 22.49
N ARG A 124 23.95 -21.79 23.36
CA ARG A 124 25.17 -22.34 23.93
C ARG A 124 24.80 -23.13 25.18
N VAL A 125 25.35 -24.33 25.29
CA VAL A 125 25.10 -25.17 26.44
C VAL A 125 26.34 -25.98 26.70
N MET A 126 26.93 -25.82 27.88
CA MET A 126 28.14 -26.57 28.17
C MET A 126 27.90 -27.72 29.13
N THR A 127 28.46 -28.85 28.76
CA THR A 127 28.35 -30.08 29.52
C THR A 127 29.73 -30.71 29.46
N ASP A 128 30.24 -31.14 30.62
CA ASP A 128 31.56 -31.75 30.71
C ASP A 128 32.66 -30.73 30.44
N GLY A 129 32.47 -29.52 30.96
CA GLY A 129 33.46 -28.47 30.77
C GLY A 129 33.60 -27.98 29.34
N GLN A 130 33.09 -28.75 28.39
CA GLN A 130 33.16 -28.38 26.98
C GLN A 130 31.83 -27.68 26.59
N SER A 131 31.92 -26.49 26.03
CA SER A 131 30.71 -25.79 25.63
C SER A 131 30.56 -25.91 24.13
N GLU A 132 29.32 -25.97 23.67
CA GLU A 132 29.07 -26.09 22.25
C GLU A 132 27.68 -25.57 21.92
N THR A 133 27.48 -25.20 20.66
CA THR A 133 26.20 -24.69 20.24
C THR A 133 25.30 -25.88 19.91
N VAL A 134 24.05 -25.81 20.32
CA VAL A 134 23.09 -26.87 20.09
C VAL A 134 21.89 -26.34 19.30
N LEU A 135 21.63 -26.94 18.14
CA LEU A 135 20.50 -26.53 17.30
C LEU A 135 19.26 -26.61 18.15
N THR A 136 18.40 -25.62 17.95
CA THR A 136 17.19 -25.50 18.73
C THR A 136 15.93 -25.51 17.85
N GLY A 137 16.04 -24.97 16.65
CA GLY A 137 14.91 -24.97 15.72
C GLY A 137 13.64 -24.20 16.01
N ASN A 138 13.69 -23.24 16.92
CA ASN A 138 12.50 -22.46 17.15
C ASN A 138 12.88 -21.02 17.45
N LEU A 139 12.09 -20.11 16.88
CA LEU A 139 12.28 -18.69 17.03
C LEU A 139 10.93 -18.03 17.29
N VAL A 140 10.98 -16.80 17.80
CA VAL A 140 9.77 -16.04 18.06
C VAL A 140 10.02 -14.81 17.20
N MET A 141 9.18 -14.63 16.18
CA MET A 141 9.33 -13.52 15.24
C MET A 141 8.08 -12.69 15.08
N ALA A 142 8.33 -11.42 14.78
CA ALA A 142 7.26 -10.47 14.54
C ALA A 142 7.70 -9.84 13.21
N LEU A 143 6.83 -9.94 12.20
CA LEU A 143 7.11 -9.37 10.88
C LEU A 143 6.28 -8.10 10.62
N PHE A 144 6.89 -7.14 9.96
CA PHE A 144 6.19 -5.91 9.65
C PHE A 144 6.55 -5.43 8.22
N ASN A 145 5.53 -5.17 7.41
CA ASN A 145 5.75 -4.70 6.04
C ASN A 145 5.83 -3.17 6.00
N HIS A 146 6.83 -2.66 5.31
CA HIS A 146 6.98 -1.21 5.14
C HIS A 146 7.01 -1.01 3.62
N ASP A 147 6.93 0.24 3.18
CA ASP A 147 6.90 0.52 1.74
C ASP A 147 7.85 1.62 1.28
N THR A 148 8.60 2.19 2.20
CA THR A 148 9.49 3.31 1.86
C THR A 148 10.97 3.14 2.23
N SER A 149 11.85 3.40 1.27
CA SER A 149 13.30 3.30 1.48
C SER A 149 13.85 4.46 2.31
N ARG A 150 15.16 4.44 2.50
CA ARG A 150 15.85 5.46 3.29
C ARG A 150 15.79 6.80 2.57
N ASP A 151 15.84 6.76 1.25
CA ASP A 151 15.78 7.98 0.46
C ASP A 151 14.40 8.24 -0.14
N GLN A 152 13.37 7.86 0.60
CA GLN A 152 11.99 8.07 0.20
C GLN A 152 11.56 7.61 -1.19
N GLU A 153 11.96 6.41 -1.58
CA GLU A 153 11.57 5.87 -2.87
C GLU A 153 10.79 4.58 -2.54
N PRO A 154 9.92 4.11 -3.44
CA PRO A 154 9.16 2.89 -3.16
C PRO A 154 10.05 1.69 -2.89
N GLN A 155 9.79 1.01 -1.79
CA GLN A 155 10.55 -0.18 -1.42
C GLN A 155 9.74 -1.10 -0.50
N LEU A 156 9.15 -2.12 -1.09
CA LEU A 156 8.36 -3.06 -0.32
C LEU A 156 9.32 -3.95 0.47
N HIS A 157 9.21 -3.93 1.79
CA HIS A 157 10.08 -4.77 2.59
C HIS A 157 9.42 -5.27 3.84
N THR A 158 10.00 -6.31 4.42
CA THR A 158 9.49 -6.86 5.65
C THR A 158 10.62 -6.94 6.63
N HIS A 159 10.45 -6.33 7.81
CA HIS A 159 11.45 -6.40 8.86
C HIS A 159 11.06 -7.61 9.69
N ALA A 160 11.84 -8.68 9.57
CA ALA A 160 11.60 -9.91 10.32
C ALA A 160 12.37 -9.74 11.63
N VAL A 161 11.67 -9.33 12.67
CA VAL A 161 12.29 -9.13 13.98
C VAL A 161 12.37 -10.46 14.75
N VAL A 162 13.61 -10.89 14.99
CA VAL A 162 13.86 -12.14 15.69
C VAL A 162 14.19 -11.85 17.15
N ALA A 163 13.28 -12.21 18.06
CA ALA A 163 13.55 -11.99 19.48
C ALA A 163 14.71 -12.89 19.88
N ASN A 164 15.52 -12.40 20.81
CA ASN A 164 16.69 -13.11 21.28
C ASN A 164 16.31 -14.19 22.30
N VAL A 165 15.40 -15.06 21.91
CA VAL A 165 14.94 -16.13 22.76
C VAL A 165 14.69 -17.40 21.98
N THR A 166 14.92 -18.53 22.64
CA THR A 166 14.66 -19.82 22.04
C THR A 166 14.51 -20.84 23.14
N GLN A 167 13.60 -21.77 22.92
CA GLN A 167 13.31 -22.79 23.92
C GLN A 167 14.22 -24.00 23.72
N HIS A 168 14.79 -24.48 24.83
CA HIS A 168 15.67 -25.64 24.80
C HIS A 168 15.30 -26.55 25.96
N ASN A 169 14.88 -27.77 25.61
CA ASN A 169 14.45 -28.74 26.60
C ASN A 169 13.42 -28.10 27.53
N GLY A 170 12.57 -27.24 26.97
CA GLY A 170 11.56 -26.59 27.79
C GLY A 170 11.99 -25.31 28.45
N GLU A 171 13.29 -24.99 28.41
CA GLU A 171 13.78 -23.74 29.00
C GLU A 171 13.96 -22.66 27.94
N TRP A 172 13.50 -21.45 28.21
CA TRP A 172 13.71 -20.36 27.27
C TRP A 172 15.11 -19.82 27.50
N LYS A 173 15.96 -19.93 26.49
CA LYS A 173 17.32 -19.42 26.59
C LYS A 173 17.58 -18.36 25.51
N THR A 174 18.78 -17.81 25.53
CA THR A 174 19.17 -16.77 24.61
C THR A 174 19.86 -17.28 23.34
N LEU A 175 19.61 -16.63 22.21
CA LEU A 175 20.29 -17.03 20.97
C LEU A 175 21.68 -16.44 21.07
N SER A 176 21.78 -15.20 21.55
CA SER A 176 23.10 -14.56 21.69
C SER A 176 23.97 -15.29 22.70
N SER A 177 25.26 -15.03 22.65
CA SER A 177 26.16 -15.66 23.59
C SER A 177 27.02 -14.61 24.24
N ASP A 178 27.08 -14.63 25.56
CA ASP A 178 27.88 -13.66 26.30
C ASP A 178 29.37 -13.98 26.21
N LYS A 179 29.73 -14.86 25.31
CA LYS A 179 31.12 -15.24 25.16
C LYS A 179 31.47 -15.49 23.71
N VAL A 180 32.51 -14.82 23.21
CA VAL A 180 32.96 -15.03 21.84
C VAL A 180 33.36 -16.48 21.76
N GLY A 181 33.17 -17.11 20.60
CA GLY A 181 33.55 -18.50 20.48
C GLY A 181 32.84 -19.28 19.41
N LYS A 182 32.62 -20.57 19.68
CA LYS A 182 31.95 -21.47 18.75
C LYS A 182 30.73 -20.80 18.13
N THR A 183 30.82 -20.59 16.82
CA THR A 183 29.78 -19.97 16.02
C THR A 183 28.34 -20.12 16.51
N GLY A 184 27.69 -18.97 16.71
CA GLY A 184 26.31 -18.94 17.16
C GLY A 184 25.32 -18.72 16.03
N PHE A 185 24.09 -18.42 16.39
CA PHE A 185 23.02 -18.21 15.44
C PHE A 185 23.25 -17.07 14.44
N ILE A 186 23.38 -15.86 14.95
CA ILE A 186 23.56 -14.74 14.06
C ILE A 186 24.84 -14.75 13.25
N GLU A 187 25.86 -15.41 13.75
CA GLU A 187 27.10 -15.47 12.99
C GLU A 187 26.77 -16.38 11.80
N ASN A 188 26.02 -17.44 12.07
CA ASN A 188 25.65 -18.36 11.03
C ASN A 188 24.71 -17.72 10.01
N VAL A 189 23.95 -16.74 10.46
CA VAL A 189 23.03 -16.08 9.54
C VAL A 189 23.85 -15.20 8.61
N TYR A 190 24.95 -14.63 9.11
CA TYR A 190 25.82 -13.78 8.30
C TYR A 190 26.52 -14.67 7.27
N ALA A 191 27.08 -15.78 7.71
CA ALA A 191 27.77 -16.67 6.81
C ALA A 191 26.84 -17.07 5.66
N ASN A 192 25.53 -16.95 5.89
CA ASN A 192 24.56 -17.34 4.87
C ASN A 192 23.73 -16.19 4.31
N GLN A 193 24.12 -14.96 4.61
CA GLN A 193 23.36 -13.81 4.14
C GLN A 193 22.96 -13.83 2.65
N ILE A 194 23.90 -14.13 1.75
CA ILE A 194 23.59 -14.20 0.32
C ILE A 194 22.58 -15.32 0.06
N ALA A 195 22.80 -16.47 0.66
CA ALA A 195 21.89 -17.59 0.47
C ALA A 195 20.44 -17.32 0.93
N PHE A 196 20.25 -16.64 2.06
CA PHE A 196 18.88 -16.39 2.48
C PHE A 196 18.29 -15.39 1.52
N GLY A 197 19.11 -14.44 1.10
CA GLY A 197 18.66 -13.46 0.13
C GLY A 197 18.29 -14.20 -1.15
N ARG A 198 19.13 -15.12 -1.61
CA ARG A 198 18.80 -15.83 -2.83
C ARG A 198 17.51 -16.64 -2.66
N LEU A 199 17.30 -17.23 -1.49
CA LEU A 199 16.09 -18.00 -1.24
C LEU A 199 14.85 -17.12 -1.41
N TYR A 200 14.83 -15.98 -0.70
CA TYR A 200 13.71 -15.07 -0.81
C TYR A 200 13.55 -14.63 -2.30
N ARG A 201 14.62 -14.07 -2.84
CA ARG A 201 14.68 -13.56 -4.21
C ARG A 201 14.13 -14.57 -5.25
N GLU A 202 14.50 -15.83 -5.13
CA GLU A 202 14.08 -16.87 -6.07
C GLU A 202 12.65 -17.39 -5.89
N LYS A 203 12.14 -17.30 -4.67
CA LYS A 203 10.77 -17.72 -4.33
C LYS A 203 9.79 -16.66 -4.85
N LEU A 204 10.21 -15.40 -4.79
CA LEU A 204 9.40 -14.30 -5.27
C LEU A 204 9.27 -14.41 -6.78
N LYS A 205 10.39 -14.71 -7.46
CA LYS A 205 10.40 -14.85 -8.91
C LYS A 205 9.44 -15.93 -9.39
N GLU A 206 9.31 -17.02 -8.63
CA GLU A 206 8.38 -18.07 -9.03
C GLU A 206 6.95 -17.54 -8.97
N GLN A 207 6.60 -16.89 -7.87
CA GLN A 207 5.25 -16.38 -7.68
C GLN A 207 4.95 -15.35 -8.75
N VAL A 208 5.83 -14.35 -8.81
CA VAL A 208 5.71 -13.26 -9.76
C VAL A 208 5.54 -13.78 -11.17
N GLU A 209 6.37 -14.74 -11.58
CA GLU A 209 6.24 -15.25 -12.93
C GLU A 209 4.94 -16.04 -13.11
N ALA A 210 4.40 -16.54 -12.00
CA ALA A 210 3.17 -17.31 -12.05
C ALA A 210 2.00 -16.40 -12.37
N LEU A 211 2.11 -15.14 -11.96
CA LEU A 211 1.05 -14.18 -12.19
C LEU A 211 1.06 -13.72 -13.65
N GLY A 212 2.11 -14.10 -14.38
CA GLY A 212 2.21 -13.72 -15.77
C GLY A 212 3.37 -12.81 -16.09
N TYR A 213 3.87 -12.08 -15.10
CA TYR A 213 4.98 -11.16 -15.33
C TYR A 213 6.28 -11.83 -15.77
N GLU A 214 7.11 -11.04 -16.42
CA GLU A 214 8.40 -11.48 -16.88
C GLU A 214 9.44 -10.93 -15.94
N THR A 215 10.60 -11.56 -15.95
CA THR A 215 11.69 -11.14 -15.11
C THR A 215 12.96 -11.29 -15.92
N GLU A 216 13.94 -10.47 -15.60
CA GLU A 216 15.23 -10.55 -16.26
C GLU A 216 16.30 -10.31 -15.21
N VAL A 217 17.35 -11.12 -15.26
CA VAL A 217 18.47 -11.01 -14.36
C VAL A 217 19.27 -9.74 -14.73
N VAL A 218 19.59 -8.90 -13.76
CA VAL A 218 20.33 -7.66 -14.02
C VAL A 218 21.63 -7.48 -13.21
N GLY A 219 21.96 -8.44 -12.36
CA GLY A 219 23.16 -8.33 -11.55
C GLY A 219 23.59 -9.65 -10.95
N LYS A 220 24.49 -9.60 -9.97
CA LYS A 220 25.00 -10.81 -9.30
C LYS A 220 23.95 -11.53 -8.44
N HIS A 221 24.23 -12.78 -8.14
CA HIS A 221 23.35 -13.57 -7.30
C HIS A 221 21.90 -13.52 -7.76
N GLY A 222 21.67 -13.71 -9.05
CA GLY A 222 20.32 -13.70 -9.58
C GLY A 222 19.48 -12.45 -9.36
N MET A 223 20.10 -11.32 -9.04
CA MET A 223 19.34 -10.08 -8.84
C MET A 223 18.50 -9.83 -10.11
N TRP A 224 17.20 -9.66 -9.97
CA TRP A 224 16.36 -9.46 -11.15
C TRP A 224 15.35 -8.33 -11.09
N GLU A 225 14.81 -7.98 -12.26
CA GLU A 225 13.79 -6.94 -12.34
C GLU A 225 12.71 -7.38 -13.32
N MET A 226 11.64 -6.61 -13.41
CA MET A 226 10.58 -6.89 -14.37
C MET A 226 10.88 -6.00 -15.57
N PRO A 227 11.10 -6.60 -16.74
CA PRO A 227 11.41 -5.88 -17.99
C PRO A 227 10.44 -4.73 -18.28
N GLY A 228 10.99 -3.60 -18.71
CA GLY A 228 10.16 -2.46 -19.05
C GLY A 228 9.76 -1.53 -17.93
N VAL A 229 9.89 -1.98 -16.69
CA VAL A 229 9.52 -1.12 -15.59
C VAL A 229 10.58 -0.07 -15.36
N PRO A 230 10.17 1.22 -15.38
CA PRO A 230 10.96 2.45 -15.19
C PRO A 230 11.70 2.53 -13.86
N VAL A 231 12.39 1.46 -13.48
CA VAL A 231 13.12 1.44 -12.21
C VAL A 231 14.04 2.65 -11.97
N GLU A 232 14.57 3.21 -13.06
CA GLU A 232 15.48 4.35 -12.99
C GLU A 232 14.87 5.63 -12.42
N ALA A 233 13.59 5.88 -12.68
CA ALA A 233 12.95 7.09 -12.18
C ALA A 233 12.73 7.10 -10.68
N PHE A 234 13.13 6.03 -10.00
CA PHE A 234 12.94 5.94 -8.57
C PHE A 234 14.22 5.50 -7.89
N SER A 235 15.35 5.84 -8.50
CA SER A 235 16.67 5.50 -7.98
C SER A 235 16.87 3.98 -8.09
N VAL A 268 7.22 13.39 7.76
CA VAL A 268 6.91 13.47 6.34
C VAL A 268 5.55 12.87 6.01
N ASP A 269 4.67 13.71 5.46
CA ASP A 269 3.33 13.30 5.07
C ASP A 269 3.45 12.30 3.93
N PRO A 270 3.05 11.04 4.17
CA PRO A 270 3.10 9.96 3.18
C PRO A 270 2.14 10.24 2.02
N GLU A 271 1.06 10.94 2.32
CA GLU A 271 0.06 11.29 1.33
C GLU A 271 0.74 12.13 0.25
N ILE A 272 1.60 13.05 0.66
CA ILE A 272 2.30 13.89 -0.29
C ILE A 272 3.32 13.05 -1.06
N LYS A 273 4.03 12.20 -0.34
CA LYS A 273 5.04 11.32 -0.92
C LYS A 273 4.42 10.50 -2.06
N MET A 274 3.27 9.89 -1.77
CA MET A 274 2.56 9.09 -2.76
C MET A 274 2.26 9.95 -3.98
N ALA A 275 1.74 11.15 -3.72
CA ALA A 275 1.39 12.10 -4.76
C ALA A 275 2.57 12.27 -5.72
N GLU A 276 3.75 12.52 -5.17
CA GLU A 276 4.94 12.69 -6.01
C GLU A 276 5.28 11.42 -6.78
N TRP A 277 5.33 10.28 -6.11
CA TRP A 277 5.64 9.02 -6.77
C TRP A 277 4.72 8.82 -7.97
N MET A 278 3.42 8.99 -7.75
CA MET A 278 2.44 8.83 -8.81
C MET A 278 2.68 9.79 -9.95
N GLN A 279 3.14 10.99 -9.62
CA GLN A 279 3.40 12.00 -10.64
C GLN A 279 4.62 11.64 -11.45
N THR A 280 5.72 11.34 -10.76
CA THR A 280 6.94 10.99 -11.47
C THR A 280 6.75 9.72 -12.28
N LEU A 281 5.74 8.94 -11.93
CA LEU A 281 5.46 7.71 -12.66
C LEU A 281 4.85 8.10 -14.01
N LYS A 282 3.92 9.06 -13.98
CA LYS A 282 3.27 9.54 -15.20
C LYS A 282 4.29 10.15 -16.16
N GLU A 283 5.20 10.94 -15.63
CA GLU A 283 6.22 11.59 -16.43
C GLU A 283 7.09 10.60 -17.21
N THR A 284 7.09 9.32 -16.81
CA THR A 284 7.91 8.33 -17.51
C THR A 284 7.23 7.86 -18.80
N GLY A 285 5.91 7.95 -18.82
CA GLY A 285 5.18 7.50 -20.00
C GLY A 285 4.79 6.04 -19.90
N PHE A 286 5.34 5.36 -18.90
CA PHE A 286 5.03 3.94 -18.70
C PHE A 286 3.52 3.75 -18.54
N ASP A 287 3.01 2.73 -19.23
CA ASP A 287 1.58 2.43 -19.17
C ASP A 287 1.35 1.22 -18.24
N ILE A 288 1.07 1.52 -16.97
CA ILE A 288 0.82 0.49 -15.96
C ILE A 288 -0.19 -0.55 -16.43
N ARG A 289 -1.41 -0.10 -16.66
CA ARG A 289 -2.49 -0.97 -17.08
C ARG A 289 -2.14 -1.84 -18.27
N ALA A 290 -1.50 -1.24 -19.26
CA ALA A 290 -1.13 -2.02 -20.43
C ALA A 290 -0.14 -3.10 -19.98
N TYR A 291 0.75 -2.74 -19.06
CA TYR A 291 1.77 -3.67 -18.57
C TYR A 291 1.14 -4.85 -17.88
N ARG A 292 0.06 -4.61 -17.14
CA ARG A 292 -0.60 -5.68 -16.44
C ARG A 292 -1.46 -6.56 -17.34
N ASP A 293 -2.13 -5.95 -18.32
CA ASP A 293 -2.95 -6.77 -19.21
C ASP A 293 -2.02 -7.71 -19.95
N ALA A 294 -0.82 -7.23 -20.23
CA ALA A 294 0.14 -8.05 -20.92
C ALA A 294 0.48 -9.26 -20.02
N ALA A 295 0.60 -9.01 -18.72
CA ALA A 295 0.91 -10.09 -17.77
C ALA A 295 -0.27 -11.06 -17.65
N ASP A 296 -1.49 -10.55 -17.75
CA ASP A 296 -2.68 -11.39 -17.68
C ASP A 296 -2.78 -12.30 -18.90
N GLN A 297 -2.61 -11.71 -20.08
CA GLN A 297 -2.66 -12.46 -21.33
C GLN A 297 -1.58 -13.51 -21.39
N ARG A 298 -0.39 -13.16 -20.95
CA ARG A 298 0.73 -14.10 -20.99
C ARG A 298 0.39 -15.28 -20.09
N ALA A 299 -0.11 -14.97 -18.90
CA ALA A 299 -0.49 -15.98 -17.92
C ALA A 299 -1.52 -16.96 -18.51
N ASP A 300 -2.65 -16.44 -18.99
CA ASP A 300 -3.68 -17.29 -19.56
C ASP A 300 -3.12 -18.10 -20.72
N LEU A 301 -2.32 -17.43 -21.54
CA LEU A 301 -1.68 -18.05 -22.69
C LEU A 301 -0.95 -19.33 -22.27
N ARG A 302 -0.28 -19.29 -21.13
CA ARG A 302 0.45 -20.45 -20.63
C ARG A 302 -0.43 -21.58 -20.06
N THR A 303 -1.54 -21.22 -19.43
CA THR A 303 -2.45 -22.22 -18.86
C THR A 303 -3.20 -22.94 -19.96
N LEU A 304 -3.44 -22.23 -21.06
CA LEU A 304 -4.15 -22.80 -22.20
C LEU A 304 -3.16 -23.16 -23.29
N THR A 305 -2.11 -23.90 -22.92
CA THR A 305 -1.10 -24.27 -23.90
C THR A 305 -0.48 -25.65 -23.70
N PRO A 306 -1.11 -26.68 -24.29
CA PRO A 306 -0.58 -28.04 -24.18
C PRO A 306 0.35 -28.32 -25.37
N GLY A 307 0.26 -27.47 -26.39
CA GLY A 307 1.09 -27.63 -27.58
C GLY A 307 0.63 -26.79 -28.76
N MET B 1 -9.48 -31.29 -4.96
CA MET B 1 -10.90 -31.75 -4.90
C MET B 1 -11.79 -30.53 -5.08
N MET B 2 -12.34 -30.37 -6.28
CA MET B 2 -13.21 -29.23 -6.58
C MET B 2 -14.59 -29.69 -7.10
N SER B 3 -15.64 -29.36 -6.35
CA SER B 3 -16.99 -29.73 -6.76
C SER B 3 -17.60 -28.53 -7.45
N ILE B 4 -18.49 -28.77 -8.41
CA ILE B 4 -19.13 -27.69 -9.15
C ILE B 4 -20.62 -27.63 -8.86
N ALA B 5 -21.15 -26.42 -8.73
CA ALA B 5 -22.58 -26.26 -8.47
C ALA B 5 -23.06 -24.86 -8.79
N GLN B 6 -24.37 -24.70 -8.95
CA GLN B 6 -24.93 -23.39 -9.23
C GLN B 6 -25.25 -22.70 -7.91
N VAL B 7 -25.18 -21.38 -7.90
CA VAL B 7 -25.49 -20.64 -6.69
C VAL B 7 -27.00 -20.69 -6.64
N ARG B 8 -27.54 -20.69 -5.42
CA ARG B 8 -28.98 -20.78 -5.20
C ARG B 8 -29.76 -19.57 -5.71
N SER B 9 -29.50 -18.41 -5.13
CA SER B 9 -30.19 -17.20 -5.51
C SER B 9 -29.61 -16.03 -4.76
N ALA B 10 -29.45 -14.91 -5.46
CA ALA B 10 -28.89 -13.71 -4.84
C ALA B 10 -29.56 -13.44 -3.50
N GLY B 11 -30.82 -13.83 -3.39
CA GLY B 11 -31.55 -13.60 -2.17
C GLY B 11 -31.01 -14.26 -0.93
N SER B 12 -30.58 -15.52 -1.05
CA SER B 12 -30.06 -16.24 0.09
C SER B 12 -28.55 -16.42 0.14
N ALA B 13 -27.94 -16.62 -1.03
CA ALA B 13 -26.50 -16.81 -1.09
C ALA B 13 -25.74 -16.01 -0.04
N GLY B 14 -26.14 -14.76 0.14
CA GLY B 14 -25.47 -13.89 1.09
C GLY B 14 -25.34 -14.45 2.49
N ASN B 15 -26.44 -14.80 3.12
CA ASN B 15 -26.36 -15.32 4.48
C ASN B 15 -25.82 -16.73 4.51
N TYR B 16 -26.13 -17.51 3.49
CA TYR B 16 -25.63 -18.87 3.41
C TYR B 16 -24.09 -18.91 3.50
N TYR B 17 -23.43 -18.10 2.68
CA TYR B 17 -21.98 -18.05 2.64
C TYR B 17 -21.27 -17.25 3.73
N THR B 18 -21.89 -16.18 4.20
CA THR B 18 -21.25 -15.31 5.19
C THR B 18 -21.61 -15.54 6.63
N ASP B 19 -22.40 -16.57 6.91
CA ASP B 19 -22.81 -16.85 8.29
C ASP B 19 -21.65 -17.20 9.21
N LYS B 20 -21.57 -16.49 10.33
CA LYS B 20 -20.50 -16.69 11.33
C LYS B 20 -20.28 -18.16 11.68
N ASP B 21 -21.35 -18.92 11.77
CA ASP B 21 -21.26 -20.33 12.12
C ASP B 21 -20.49 -21.22 11.14
N ASN B 22 -20.30 -20.78 9.90
CA ASN B 22 -19.56 -21.58 8.92
C ASN B 22 -18.05 -21.57 9.17
N TYR B 23 -17.57 -20.70 10.06
CA TYR B 23 -16.13 -20.62 10.27
C TYR B 23 -15.70 -20.30 11.69
N TYR B 24 -16.47 -20.79 12.66
CA TYR B 24 -16.18 -20.57 14.06
C TYR B 24 -14.86 -21.20 14.49
N VAL B 25 -14.58 -22.41 13.99
CA VAL B 25 -13.36 -23.07 14.39
C VAL B 25 -12.11 -22.44 13.78
N LEU B 26 -12.26 -21.82 12.61
CA LEU B 26 -11.12 -21.18 11.98
C LEU B 26 -10.78 -19.86 12.67
N GLY B 27 -11.80 -19.14 13.08
CA GLY B 27 -11.57 -17.87 13.74
C GLY B 27 -12.10 -16.74 12.88
N SER B 28 -11.93 -16.89 11.57
CA SER B 28 -12.39 -15.88 10.64
C SER B 28 -12.80 -16.50 9.32
N MET B 29 -13.62 -15.78 8.59
CA MET B 29 -14.12 -16.21 7.29
C MET B 29 -12.97 -16.18 6.30
N GLY B 30 -12.03 -15.25 6.52
CA GLY B 30 -10.89 -15.11 5.62
C GLY B 30 -11.33 -14.84 4.19
N GLU B 31 -12.54 -14.30 4.03
CA GLU B 31 -13.08 -14.03 2.70
C GLU B 31 -12.45 -12.87 1.93
N ARG B 32 -12.24 -13.11 0.64
CA ARG B 32 -11.63 -12.10 -0.22
C ARG B 32 -12.31 -12.07 -1.58
N TRP B 33 -12.24 -10.91 -2.21
CA TRP B 33 -12.77 -10.79 -3.57
C TRP B 33 -11.63 -11.35 -4.37
N ALA B 34 -11.87 -11.67 -5.64
CA ALA B 34 -10.82 -12.20 -6.49
C ALA B 34 -11.23 -12.14 -7.95
N GLY B 35 -10.25 -12.30 -8.84
CA GLY B 35 -10.53 -12.24 -10.25
C GLY B 35 -10.19 -10.88 -10.81
N ARG B 36 -9.85 -10.85 -12.09
CA ARG B 36 -9.52 -9.62 -12.77
C ARG B 36 -10.76 -8.72 -12.81
N GLY B 37 -11.92 -9.33 -12.99
CA GLY B 37 -13.15 -8.55 -13.02
C GLY B 37 -13.41 -7.88 -11.70
N ALA B 38 -13.08 -8.56 -10.61
CA ALA B 38 -13.31 -8.00 -9.28
C ALA B 38 -12.53 -6.69 -9.15
N GLU B 39 -11.24 -6.75 -9.47
CA GLU B 39 -10.39 -5.59 -9.36
C GLU B 39 -10.88 -4.42 -10.23
N GLN B 40 -11.44 -4.74 -11.39
CA GLN B 40 -11.95 -3.74 -12.31
C GLN B 40 -13.10 -2.96 -11.69
N LEU B 41 -13.90 -3.65 -10.87
CA LEU B 41 -15.04 -3.02 -10.20
C LEU B 41 -14.56 -2.45 -8.86
N GLY B 42 -13.25 -2.38 -8.70
CA GLY B 42 -12.67 -1.84 -7.48
C GLY B 42 -12.94 -2.65 -6.22
N LEU B 43 -13.18 -3.95 -6.39
CA LEU B 43 -13.47 -4.84 -5.26
C LEU B 43 -12.22 -5.58 -4.79
N GLN B 44 -11.73 -5.22 -3.61
CA GLN B 44 -10.55 -5.85 -3.00
C GLN B 44 -10.77 -6.09 -1.50
N GLY B 45 -10.05 -7.08 -0.96
CA GLY B 45 -10.15 -7.38 0.45
C GLY B 45 -11.49 -7.94 0.92
N SER B 46 -11.92 -7.48 2.09
CA SER B 46 -13.17 -7.93 2.68
C SER B 46 -14.36 -7.80 1.71
N VAL B 47 -15.31 -8.74 1.82
CA VAL B 47 -16.49 -8.77 0.95
C VAL B 47 -17.78 -8.33 1.63
N ASP B 48 -18.34 -7.21 1.18
CA ASP B 48 -19.59 -6.67 1.72
C ASP B 48 -20.75 -7.54 1.31
N LYS B 49 -21.45 -8.08 2.29
CA LYS B 49 -22.60 -8.97 2.05
C LYS B 49 -23.65 -8.35 1.12
N ASP B 50 -23.95 -7.07 1.32
CA ASP B 50 -24.94 -6.37 0.50
C ASP B 50 -24.49 -6.30 -0.96
N VAL B 51 -23.26 -5.82 -1.17
CA VAL B 51 -22.72 -5.68 -2.51
C VAL B 51 -22.66 -7.05 -3.19
N PHE B 52 -22.30 -8.06 -2.41
CA PHE B 52 -22.21 -9.42 -2.90
C PHE B 52 -23.55 -9.94 -3.40
N THR B 53 -24.62 -9.61 -2.68
CA THR B 53 -25.96 -10.05 -3.08
C THR B 53 -26.40 -9.33 -4.35
N ARG B 54 -26.13 -8.03 -4.42
CA ARG B 54 -26.47 -7.26 -5.60
C ARG B 54 -25.77 -7.89 -6.81
N LEU B 55 -24.48 -8.11 -6.65
CA LEU B 55 -23.65 -8.72 -7.68
C LEU B 55 -24.30 -9.98 -8.24
N LEU B 56 -24.88 -10.80 -7.37
CA LEU B 56 -25.53 -12.03 -7.81
C LEU B 56 -26.88 -11.79 -8.44
N GLU B 57 -27.40 -10.58 -8.28
CA GLU B 57 -28.67 -10.19 -8.88
C GLU B 57 -28.34 -9.68 -10.29
N GLY B 58 -27.07 -9.30 -10.48
CA GLY B 58 -26.63 -8.78 -11.75
C GLY B 58 -26.38 -7.27 -11.68
N ARG B 59 -26.53 -6.69 -10.50
CA ARG B 59 -26.31 -5.26 -10.34
C ARG B 59 -24.89 -5.01 -9.85
N LEU B 60 -24.03 -4.53 -10.73
CA LEU B 60 -22.63 -4.28 -10.38
C LEU B 60 -22.37 -2.88 -9.82
N PRO B 61 -21.30 -2.73 -9.02
CA PRO B 61 -20.95 -1.45 -8.42
C PRO B 61 -20.67 -0.30 -9.39
N ASP B 62 -20.39 -0.61 -10.66
CA ASP B 62 -20.13 0.45 -11.62
C ASP B 62 -21.41 0.92 -12.30
N GLY B 63 -22.55 0.33 -11.89
CA GLY B 63 -23.81 0.73 -12.48
C GLY B 63 -24.40 -0.26 -13.45
N ALA B 64 -23.56 -1.06 -14.09
CA ALA B 64 -24.05 -2.04 -15.06
C ALA B 64 -25.18 -2.83 -14.40
N ASP B 65 -26.12 -3.31 -15.20
CA ASP B 65 -27.22 -4.05 -14.64
C ASP B 65 -27.63 -5.17 -15.57
N LEU B 66 -27.40 -6.41 -15.15
CA LEU B 66 -27.76 -7.54 -15.97
C LEU B 66 -28.97 -8.29 -15.45
N SER B 67 -29.71 -7.70 -14.52
CA SER B 67 -30.89 -8.35 -13.99
C SER B 67 -31.97 -8.53 -15.05
N ARG B 68 -32.72 -9.62 -14.94
CA ARG B 68 -33.81 -9.93 -15.87
C ARG B 68 -35.03 -10.37 -15.06
N MET B 69 -35.71 -9.41 -14.43
CA MET B 69 -36.90 -9.70 -13.62
C MET B 69 -38.09 -10.10 -14.50
N GLN B 70 -38.63 -11.30 -14.26
CA GLN B 70 -39.74 -11.83 -15.03
C GLN B 70 -40.80 -12.45 -14.11
N ASP B 71 -41.77 -11.65 -13.70
CA ASP B 71 -42.87 -12.12 -12.83
C ASP B 71 -42.48 -12.10 -11.35
N GLY B 72 -41.82 -11.02 -10.92
CA GLY B 72 -41.41 -10.91 -9.53
C GLY B 72 -40.22 -11.77 -9.19
N SER B 73 -39.52 -12.26 -10.21
CA SER B 73 -38.33 -13.09 -10.01
C SER B 73 -37.29 -12.83 -11.10
N ASN B 74 -36.04 -12.67 -10.68
CA ASN B 74 -34.94 -12.42 -11.61
C ASN B 74 -34.58 -13.69 -12.35
N ARG B 75 -34.52 -13.64 -13.67
CA ARG B 75 -34.17 -14.82 -14.44
C ARG B 75 -32.73 -14.74 -14.97
N HIS B 76 -31.89 -14.04 -14.22
CA HIS B 76 -30.47 -13.93 -14.53
C HIS B 76 -29.79 -14.88 -13.56
N ARG B 77 -29.21 -15.96 -14.07
CA ARG B 77 -28.54 -16.91 -13.20
C ARG B 77 -27.47 -16.20 -12.35
N PRO B 78 -27.47 -16.45 -11.04
CA PRO B 78 -26.51 -15.81 -10.14
C PRO B 78 -25.05 -16.13 -10.44
N GLY B 79 -24.78 -17.37 -10.82
CA GLY B 79 -23.41 -17.77 -11.11
C GLY B 79 -23.07 -19.16 -10.58
N TYR B 80 -21.80 -19.43 -10.33
CA TYR B 80 -21.40 -20.74 -9.88
C TYR B 80 -20.61 -20.76 -8.58
N ASP B 81 -20.66 -21.90 -7.91
CA ASP B 81 -19.98 -22.12 -6.66
C ASP B 81 -18.98 -23.23 -6.92
N LEU B 82 -17.71 -22.88 -6.98
CA LEU B 82 -16.67 -23.88 -7.16
C LEU B 82 -16.14 -24.07 -5.74
N THR B 83 -16.18 -25.32 -5.28
CA THR B 83 -15.74 -25.66 -3.92
C THR B 83 -14.49 -26.55 -3.89
N PHE B 84 -13.44 -26.05 -3.24
CA PHE B 84 -12.19 -26.78 -3.10
C PHE B 84 -12.06 -27.25 -1.64
N SER B 85 -11.95 -28.54 -1.45
CA SER B 85 -11.82 -29.07 -0.10
C SER B 85 -10.50 -29.75 0.19
N ALA B 86 -9.85 -29.35 1.27
CA ALA B 86 -8.57 -29.93 1.66
C ALA B 86 -8.81 -31.37 2.09
N PRO B 87 -7.76 -32.20 2.07
CA PRO B 87 -8.06 -33.56 2.52
C PRO B 87 -8.31 -33.57 4.03
N LYS B 88 -8.98 -34.60 4.52
CA LYS B 88 -9.33 -34.73 5.93
C LYS B 88 -8.16 -34.56 6.89
N SER B 89 -7.03 -35.21 6.62
CA SER B 89 -5.91 -35.10 7.52
C SER B 89 -5.45 -33.66 7.66
N VAL B 90 -5.48 -32.92 6.54
CA VAL B 90 -5.05 -31.53 6.54
C VAL B 90 -6.03 -30.75 7.40
N SER B 91 -7.31 -31.00 7.20
CA SER B 91 -8.32 -30.29 7.99
C SER B 91 -8.13 -30.53 9.49
N MET B 92 -7.89 -31.79 9.86
CA MET B 92 -7.71 -32.17 11.26
C MET B 92 -6.46 -31.53 11.88
N MET B 93 -5.36 -31.64 11.14
CA MET B 93 -4.08 -31.10 11.59
C MET B 93 -4.20 -29.60 11.78
N ALA B 94 -5.03 -28.96 10.96
CA ALA B 94 -5.20 -27.52 11.05
C ALA B 94 -6.17 -27.07 12.15
N MET B 95 -7.34 -27.68 12.19
CA MET B 95 -8.37 -27.28 13.14
C MET B 95 -8.27 -27.90 14.52
N LEU B 96 -7.74 -29.11 14.61
CA LEU B 96 -7.64 -29.77 15.90
C LEU B 96 -6.20 -29.75 16.37
N GLY B 97 -5.27 -29.74 15.42
CA GLY B 97 -3.86 -29.71 15.76
C GLY B 97 -3.35 -28.28 15.92
N GLY B 98 -4.12 -27.32 15.41
CA GLY B 98 -3.71 -25.94 15.51
C GLY B 98 -2.65 -25.47 14.54
N ASP B 99 -2.36 -26.23 13.47
CA ASP B 99 -1.35 -25.76 12.53
C ASP B 99 -2.04 -24.86 11.52
N LYS B 100 -2.02 -23.56 11.78
CA LYS B 100 -2.65 -22.61 10.90
C LYS B 100 -1.84 -22.37 9.65
N ARG B 101 -0.57 -22.78 9.68
CA ARG B 101 0.25 -22.65 8.51
C ARG B 101 -0.43 -23.45 7.41
N LEU B 102 -1.17 -24.50 7.78
CA LEU B 102 -1.86 -25.31 6.77
C LEU B 102 -3.01 -24.55 6.10
N ILE B 103 -3.69 -23.71 6.87
CA ILE B 103 -4.80 -22.92 6.34
C ILE B 103 -4.25 -21.99 5.26
N ASP B 104 -3.07 -21.43 5.50
CA ASP B 104 -2.43 -20.53 4.54
C ASP B 104 -2.04 -21.31 3.31
N ALA B 105 -1.62 -22.55 3.52
CA ALA B 105 -1.24 -23.41 2.41
C ALA B 105 -2.50 -23.64 1.56
N HIS B 106 -3.63 -23.86 2.24
CA HIS B 106 -4.88 -24.09 1.56
C HIS B 106 -5.18 -22.89 0.67
N ASN B 107 -5.28 -21.71 1.29
CA ASN B 107 -5.55 -20.47 0.59
C ASN B 107 -4.65 -20.27 -0.67
N GLN B 108 -3.35 -20.48 -0.51
CA GLN B 108 -2.43 -20.34 -1.62
C GLN B 108 -2.78 -21.35 -2.70
N ALA B 109 -3.29 -22.50 -2.30
CA ALA B 109 -3.64 -23.52 -3.26
C ALA B 109 -4.93 -23.14 -4.02
N VAL B 110 -5.88 -22.50 -3.34
CA VAL B 110 -7.11 -22.12 -4.00
C VAL B 110 -6.80 -21.01 -5.00
N ASP B 111 -6.13 -19.95 -4.53
CA ASP B 111 -5.74 -18.83 -5.37
C ASP B 111 -5.07 -19.34 -6.65
N PHE B 112 -4.22 -20.35 -6.49
CA PHE B 112 -3.53 -20.92 -7.63
C PHE B 112 -4.50 -21.54 -8.64
N ALA B 113 -5.45 -22.34 -8.14
CA ALA B 113 -6.43 -22.99 -9.01
C ALA B 113 -7.36 -21.99 -9.69
N VAL B 114 -7.87 -21.07 -8.89
CA VAL B 114 -8.79 -20.04 -9.35
C VAL B 114 -8.26 -19.22 -10.56
N ARG B 115 -6.99 -18.81 -10.49
CA ARG B 115 -6.39 -18.07 -11.59
C ARG B 115 -6.45 -18.90 -12.87
N GLN B 116 -6.21 -20.19 -12.73
CA GLN B 116 -6.28 -21.10 -13.86
C GLN B 116 -7.70 -21.10 -14.39
N VAL B 117 -8.67 -21.23 -13.48
CA VAL B 117 -10.06 -21.23 -13.86
C VAL B 117 -10.42 -19.98 -14.64
N GLU B 118 -10.00 -18.82 -14.11
CA GLU B 118 -10.29 -17.54 -14.73
C GLU B 118 -9.90 -17.45 -16.21
N ALA B 119 -8.97 -18.30 -16.64
CA ALA B 119 -8.55 -18.26 -18.04
C ALA B 119 -9.66 -18.79 -18.98
N LEU B 120 -10.57 -19.59 -18.44
CA LEU B 120 -11.65 -20.13 -19.25
C LEU B 120 -12.84 -19.19 -19.37
N ALA B 121 -12.78 -18.06 -18.68
CA ALA B 121 -13.87 -17.09 -18.74
C ALA B 121 -14.17 -16.70 -20.18
N SER B 122 -15.44 -16.69 -20.54
CA SER B 122 -15.83 -16.35 -21.90
C SER B 122 -17.29 -15.92 -21.95
N THR B 123 -17.73 -15.55 -23.15
CA THR B 123 -19.10 -15.13 -23.38
C THR B 123 -19.47 -15.40 -24.82
N ARG B 124 -20.74 -15.64 -25.05
CA ARG B 124 -21.22 -15.94 -26.39
C ARG B 124 -21.41 -14.62 -27.11
N VAL B 125 -20.83 -14.53 -28.29
CA VAL B 125 -20.93 -13.34 -29.12
C VAL B 125 -21.15 -13.82 -30.55
N MET B 126 -22.24 -13.38 -31.18
CA MET B 126 -22.50 -13.80 -32.54
C MET B 126 -22.31 -12.67 -33.54
N THR B 127 -21.53 -12.97 -34.58
CA THR B 127 -21.26 -12.00 -35.62
C THR B 127 -21.42 -12.68 -36.98
N ASP B 128 -22.10 -12.00 -37.89
CA ASP B 128 -22.34 -12.53 -39.22
C ASP B 128 -23.05 -13.89 -39.15
N GLY B 129 -24.11 -13.96 -38.36
CA GLY B 129 -24.90 -15.17 -38.23
C GLY B 129 -24.35 -16.32 -37.41
N GLN B 130 -23.04 -16.40 -37.24
CA GLN B 130 -22.45 -17.48 -36.47
C GLN B 130 -22.20 -17.04 -35.02
N SER B 131 -22.53 -17.89 -34.07
CA SER B 131 -22.29 -17.55 -32.67
C SER B 131 -21.10 -18.37 -32.24
N GLU B 132 -20.22 -17.76 -31.46
CA GLU B 132 -19.03 -18.45 -30.99
C GLU B 132 -18.69 -18.03 -29.57
N THR B 133 -17.94 -18.88 -28.88
CA THR B 133 -17.53 -18.60 -27.51
C THR B 133 -16.21 -17.84 -27.55
N VAL B 134 -16.18 -16.65 -26.97
CA VAL B 134 -14.96 -15.86 -26.96
C VAL B 134 -14.37 -15.63 -25.57
N LEU B 135 -13.13 -16.06 -25.41
CA LEU B 135 -12.44 -15.91 -24.13
C LEU B 135 -12.46 -14.44 -23.73
N THR B 136 -12.58 -14.17 -22.43
CA THR B 136 -12.59 -12.81 -21.96
C THR B 136 -11.51 -12.62 -20.90
N GLY B 137 -11.06 -13.75 -20.34
CA GLY B 137 -10.02 -13.74 -19.33
C GLY B 137 -10.30 -13.06 -18.01
N ASN B 138 -11.55 -12.73 -17.70
CA ASN B 138 -11.82 -12.09 -16.42
C ASN B 138 -13.08 -12.58 -15.70
N LEU B 139 -13.01 -12.60 -14.37
CA LEU B 139 -14.12 -13.04 -13.54
C LEU B 139 -14.24 -12.18 -12.29
N VAL B 140 -15.41 -12.25 -11.67
CA VAL B 140 -15.68 -11.53 -10.43
C VAL B 140 -16.00 -12.66 -9.44
N MET B 141 -15.13 -12.85 -8.47
CA MET B 141 -15.31 -13.92 -7.49
C MET B 141 -15.25 -13.49 -6.03
N ALA B 142 -16.01 -14.22 -5.23
CA ALA B 142 -16.04 -13.99 -3.80
C ALA B 142 -15.66 -15.35 -3.20
N LEU B 143 -14.58 -15.38 -2.42
CA LEU B 143 -14.09 -16.60 -1.78
C LEU B 143 -14.36 -16.59 -0.27
N PHE B 144 -14.96 -17.67 0.23
CA PHE B 144 -15.27 -17.77 1.66
C PHE B 144 -14.73 -19.09 2.21
N ASN B 145 -13.98 -19.03 3.32
CA ASN B 145 -13.44 -20.24 3.96
C ASN B 145 -14.41 -20.74 5.02
N HIS B 146 -14.79 -22.00 4.90
CA HIS B 146 -15.69 -22.67 5.85
C HIS B 146 -14.86 -23.83 6.42
N ASP B 147 -15.31 -24.39 7.54
CA ASP B 147 -14.60 -25.50 8.21
C ASP B 147 -15.41 -26.77 8.52
N THR B 148 -16.66 -26.82 8.08
CA THR B 148 -17.47 -27.98 8.41
C THR B 148 -18.17 -28.64 7.25
N SER B 149 -17.98 -29.95 7.15
CA SER B 149 -18.60 -30.76 6.10
C SER B 149 -20.08 -30.91 6.36
N ARG B 150 -20.77 -31.50 5.38
CA ARG B 150 -22.21 -31.71 5.45
C ARG B 150 -22.61 -32.60 6.62
N ASP B 151 -21.81 -33.62 6.89
CA ASP B 151 -22.10 -34.52 7.99
C ASP B 151 -21.38 -34.15 9.29
N GLN B 152 -21.31 -32.85 9.57
CA GLN B 152 -20.69 -32.31 10.78
C GLN B 152 -19.27 -32.76 11.13
N GLU B 153 -18.40 -32.90 10.14
CA GLU B 153 -17.01 -33.31 10.42
C GLU B 153 -16.07 -32.18 10.02
N PRO B 154 -14.82 -32.19 10.53
CA PRO B 154 -13.91 -31.11 10.15
C PRO B 154 -13.57 -31.18 8.66
N GLN B 155 -13.75 -30.07 7.95
CA GLN B 155 -13.46 -30.03 6.51
C GLN B 155 -13.08 -28.62 6.07
N LEU B 156 -11.79 -28.40 5.89
CA LEU B 156 -11.34 -27.09 5.46
C LEU B 156 -11.67 -26.95 3.99
N HIS B 157 -12.51 -25.98 3.66
CA HIS B 157 -12.87 -25.78 2.26
C HIS B 157 -13.16 -24.32 1.96
N THR B 158 -13.12 -24.00 0.67
CA THR B 158 -13.38 -22.65 0.22
C THR B 158 -14.41 -22.66 -0.87
N HIS B 159 -15.43 -21.83 -0.70
CA HIS B 159 -16.46 -21.71 -1.70
C HIS B 159 -16.02 -20.55 -2.58
N ALA B 160 -15.69 -20.88 -3.82
CA ALA B 160 -15.26 -19.87 -4.79
C ALA B 160 -16.50 -19.50 -5.59
N VAL B 161 -17.17 -18.43 -5.17
CA VAL B 161 -18.38 -17.98 -5.86
C VAL B 161 -18.01 -17.12 -7.06
N VAL B 162 -18.31 -17.65 -8.24
CA VAL B 162 -18.03 -17.00 -9.50
C VAL B 162 -19.33 -16.42 -10.05
N ALA B 163 -19.53 -15.11 -9.92
CA ALA B 163 -20.73 -14.43 -10.43
C ALA B 163 -20.90 -14.63 -11.93
N ASN B 164 -22.15 -14.65 -12.39
CA ASN B 164 -22.44 -14.86 -13.81
C ASN B 164 -22.25 -13.58 -14.63
N VAL B 165 -21.03 -13.06 -14.64
CA VAL B 165 -20.72 -11.84 -15.35
C VAL B 165 -19.26 -11.81 -15.78
N THR B 166 -19.00 -11.15 -16.91
CA THR B 166 -17.65 -11.02 -17.44
C THR B 166 -17.64 -9.85 -18.43
N GLN B 167 -16.64 -9.00 -18.32
CA GLN B 167 -16.51 -7.83 -19.17
C GLN B 167 -15.94 -8.18 -20.55
N HIS B 168 -16.58 -7.65 -21.60
CA HIS B 168 -16.17 -7.87 -22.99
C HIS B 168 -16.11 -6.52 -23.69
N ASN B 169 -14.93 -6.17 -24.23
CA ASN B 169 -14.72 -4.88 -24.89
C ASN B 169 -15.43 -3.78 -24.10
N GLY B 170 -15.37 -3.86 -22.78
CA GLY B 170 -16.02 -2.86 -21.96
C GLY B 170 -17.38 -3.29 -21.39
N GLU B 171 -18.22 -3.94 -22.22
CA GLU B 171 -19.54 -4.39 -21.78
C GLU B 171 -19.51 -5.54 -20.78
N TRP B 172 -20.46 -5.53 -19.84
CA TRP B 172 -20.55 -6.61 -18.86
C TRP B 172 -21.56 -7.60 -19.37
N LYS B 173 -21.09 -8.75 -19.85
CA LYS B 173 -21.98 -9.78 -20.35
C LYS B 173 -22.00 -11.00 -19.46
N THR B 174 -22.96 -11.89 -19.75
CA THR B 174 -23.17 -13.11 -19.00
C THR B 174 -22.16 -14.18 -19.40
N LEU B 175 -21.88 -15.11 -18.49
CA LEU B 175 -20.97 -16.20 -18.78
C LEU B 175 -21.83 -17.28 -19.42
N SER B 176 -23.03 -17.44 -18.87
CA SER B 176 -23.99 -18.43 -19.34
C SER B 176 -24.72 -18.01 -20.63
N SER B 177 -25.63 -18.86 -21.08
CA SER B 177 -26.37 -18.58 -22.31
C SER B 177 -27.60 -19.47 -22.36
N ASP B 178 -28.79 -18.87 -22.27
CA ASP B 178 -30.03 -19.62 -22.32
C ASP B 178 -30.27 -20.21 -23.71
N LYS B 179 -29.30 -20.02 -24.61
CA LYS B 179 -29.41 -20.56 -25.96
C LYS B 179 -28.69 -21.89 -26.06
N VAL B 180 -29.45 -22.97 -26.09
CA VAL B 180 -28.88 -24.33 -26.19
C VAL B 180 -27.93 -24.44 -27.38
N GLY B 181 -26.64 -24.28 -27.12
CA GLY B 181 -25.65 -24.36 -28.18
C GLY B 181 -24.30 -24.83 -27.69
N LYS B 182 -23.25 -24.40 -28.38
CA LYS B 182 -21.88 -24.78 -28.05
C LYS B 182 -21.61 -24.72 -26.54
N THR B 183 -20.54 -25.39 -26.13
CA THR B 183 -20.16 -25.44 -24.73
C THR B 183 -19.41 -24.16 -24.33
N GLY B 184 -19.92 -23.50 -23.29
CA GLY B 184 -19.30 -22.28 -22.81
C GLY B 184 -18.46 -22.47 -21.56
N PHE B 185 -18.42 -21.45 -20.72
CA PHE B 185 -17.63 -21.46 -19.49
C PHE B 185 -17.77 -22.67 -18.56
N ILE B 186 -18.94 -22.84 -17.96
CA ILE B 186 -19.14 -23.94 -17.03
C ILE B 186 -19.03 -25.31 -17.68
N GLU B 187 -19.35 -25.39 -18.96
CA GLU B 187 -19.22 -26.68 -19.63
C GLU B 187 -17.74 -27.03 -19.64
N ASN B 188 -16.91 -26.00 -19.82
CA ASN B 188 -15.47 -26.20 -19.85
C ASN B 188 -14.85 -26.40 -18.48
N VAL B 189 -15.50 -25.85 -17.47
CA VAL B 189 -15.01 -26.05 -16.12
C VAL B 189 -15.28 -27.52 -15.84
N TYR B 190 -16.49 -27.97 -16.14
CA TYR B 190 -16.85 -29.37 -15.91
C TYR B 190 -15.89 -30.32 -16.60
N ALA B 191 -15.64 -30.06 -17.89
CA ALA B 191 -14.75 -30.91 -18.68
C ALA B 191 -13.34 -30.97 -18.10
N ASN B 192 -13.04 -30.07 -17.17
CA ASN B 192 -11.72 -30.03 -16.55
C ASN B 192 -11.80 -30.11 -15.02
N GLN B 193 -12.92 -30.64 -14.52
CA GLN B 193 -13.11 -30.75 -13.08
C GLN B 193 -11.98 -31.48 -12.38
N ILE B 194 -11.56 -32.61 -12.93
CA ILE B 194 -10.47 -33.38 -12.33
C ILE B 194 -9.17 -32.57 -12.34
N ALA B 195 -8.85 -32.01 -13.50
CA ALA B 195 -7.64 -31.22 -13.66
C ALA B 195 -7.52 -30.07 -12.67
N PHE B 196 -8.58 -29.26 -12.57
CA PHE B 196 -8.58 -28.13 -11.64
C PHE B 196 -8.45 -28.68 -10.23
N GLY B 197 -9.12 -29.80 -10.00
CA GLY B 197 -9.05 -30.45 -8.71
C GLY B 197 -7.64 -30.88 -8.41
N ARG B 198 -6.92 -31.34 -9.42
CA ARG B 198 -5.55 -31.79 -9.22
C ARG B 198 -4.58 -30.62 -9.05
N LEU B 199 -4.87 -29.49 -9.70
CA LEU B 199 -4.01 -28.33 -9.57
C LEU B 199 -4.01 -27.91 -8.09
N TYR B 200 -5.21 -27.71 -7.57
CA TYR B 200 -5.37 -27.31 -6.18
C TYR B 200 -4.68 -28.32 -5.27
N ARG B 201 -5.03 -29.58 -5.48
CA ARG B 201 -4.53 -30.71 -4.70
C ARG B 201 -2.99 -30.82 -4.71
N GLU B 202 -2.41 -30.68 -5.90
CA GLU B 202 -0.96 -30.81 -5.99
C GLU B 202 -0.20 -29.57 -5.48
N LYS B 203 -0.82 -28.40 -5.54
CA LYS B 203 -0.15 -27.22 -5.06
C LYS B 203 -0.21 -27.26 -3.52
N LEU B 204 -1.27 -27.87 -2.99
CA LEU B 204 -1.44 -28.02 -1.55
C LEU B 204 -0.32 -28.96 -1.07
N LYS B 205 -0.11 -30.05 -1.81
CA LYS B 205 0.93 -31.02 -1.50
C LYS B 205 2.31 -30.36 -1.38
N GLU B 206 2.63 -29.50 -2.32
CA GLU B 206 3.92 -28.82 -2.30
C GLU B 206 4.15 -28.11 -1.00
N GLN B 207 3.25 -27.20 -0.65
CA GLN B 207 3.39 -26.44 0.57
C GLN B 207 3.35 -27.29 1.83
N VAL B 208 2.45 -28.27 1.85
CA VAL B 208 2.33 -29.13 3.00
C VAL B 208 3.65 -29.85 3.26
N GLU B 209 4.28 -30.35 2.20
CA GLU B 209 5.55 -31.04 2.34
C GLU B 209 6.70 -30.10 2.70
N ALA B 210 6.65 -28.88 2.20
CA ALA B 210 7.70 -27.91 2.51
C ALA B 210 7.67 -27.61 4.02
N LEU B 211 6.52 -27.80 4.65
CA LEU B 211 6.43 -27.55 6.07
C LEU B 211 7.05 -28.71 6.84
N GLY B 212 7.28 -29.82 6.14
CA GLY B 212 7.88 -30.97 6.78
C GLY B 212 6.95 -32.15 6.93
N TYR B 213 5.69 -31.98 6.55
CA TYR B 213 4.72 -33.08 6.65
C TYR B 213 4.94 -34.09 5.53
N GLU B 214 4.56 -35.34 5.79
CA GLU B 214 4.67 -36.38 4.79
C GLU B 214 3.29 -36.60 4.22
N THR B 215 3.23 -37.09 3.00
CA THR B 215 1.96 -37.37 2.33
C THR B 215 2.08 -38.69 1.61
N GLU B 216 0.94 -39.36 1.40
CA GLU B 216 0.90 -40.63 0.69
C GLU B 216 -0.38 -40.62 -0.15
N VAL B 217 -0.28 -41.16 -1.36
CA VAL B 217 -1.43 -41.24 -2.27
C VAL B 217 -2.35 -42.27 -1.67
N VAL B 218 -3.64 -41.97 -1.68
CA VAL B 218 -4.65 -42.84 -1.10
C VAL B 218 -5.75 -43.24 -2.07
N GLY B 219 -5.98 -42.43 -3.11
CA GLY B 219 -7.02 -42.75 -4.06
C GLY B 219 -6.73 -42.34 -5.49
N LYS B 220 -7.78 -42.14 -6.26
CA LYS B 220 -7.66 -41.74 -7.66
C LYS B 220 -7.36 -40.26 -7.79
N HIS B 221 -6.78 -39.87 -8.92
CA HIS B 221 -6.47 -38.46 -9.17
C HIS B 221 -5.61 -37.83 -8.09
N GLY B 222 -4.54 -38.52 -7.71
CA GLY B 222 -3.62 -38.02 -6.71
C GLY B 222 -4.17 -37.76 -5.32
N MET B 223 -5.38 -38.21 -5.02
CA MET B 223 -5.94 -37.98 -3.69
C MET B 223 -4.96 -38.44 -2.61
N TRP B 224 -4.61 -37.54 -1.71
CA TRP B 224 -3.66 -37.90 -0.66
C TRP B 224 -4.08 -37.52 0.75
N GLU B 225 -3.28 -37.97 1.71
CA GLU B 225 -3.49 -37.72 3.13
C GLU B 225 -2.11 -37.73 3.77
N MET B 226 -2.03 -37.19 4.98
CA MET B 226 -0.77 -37.21 5.73
C MET B 226 -0.80 -38.60 6.40
N PRO B 227 0.33 -39.32 6.41
CA PRO B 227 0.37 -40.66 7.02
C PRO B 227 0.30 -40.64 8.54
N GLY B 228 -0.63 -41.42 9.10
CA GLY B 228 -0.72 -41.50 10.54
C GLY B 228 -1.88 -40.78 11.20
N VAL B 229 -2.50 -39.85 10.49
CA VAL B 229 -3.61 -39.12 11.09
C VAL B 229 -4.88 -39.98 11.12
N PRO B 230 -5.53 -40.08 12.30
CA PRO B 230 -6.75 -40.86 12.52
C PRO B 230 -7.95 -40.44 11.66
N VAL B 231 -7.72 -40.26 10.37
CA VAL B 231 -8.77 -39.85 9.45
C VAL B 231 -10.09 -40.61 9.59
N GLU B 232 -10.01 -41.90 9.89
CA GLU B 232 -11.20 -42.73 10.02
C GLU B 232 -12.14 -42.27 11.12
N ALA B 233 -11.57 -41.80 12.22
CA ALA B 233 -12.37 -41.34 13.35
C ALA B 233 -13.21 -40.11 13.01
N PHE B 234 -12.97 -39.53 11.85
CA PHE B 234 -13.73 -38.35 11.46
C PHE B 234 -14.42 -38.59 10.12
N SER B 235 -15.22 -39.67 10.10
CA SER B 235 -15.99 -40.12 8.95
C SER B 235 -15.09 -40.56 7.80
N HIS B 267 -29.79 -25.04 14.07
CA HIS B 267 -28.65 -24.17 14.36
C HIS B 267 -27.70 -24.78 15.38
N VAL B 268 -26.88 -25.74 14.93
CA VAL B 268 -25.92 -26.38 15.81
C VAL B 268 -25.04 -25.34 16.49
N ASP B 269 -24.58 -25.65 17.70
CA ASP B 269 -23.70 -24.76 18.44
C ASP B 269 -22.27 -25.20 18.11
N PRO B 270 -21.50 -24.34 17.41
CA PRO B 270 -20.11 -24.62 17.01
C PRO B 270 -19.19 -25.04 18.15
N GLU B 271 -19.41 -24.44 19.32
CA GLU B 271 -18.61 -24.75 20.50
C GLU B 271 -18.84 -26.21 20.88
N ILE B 272 -20.09 -26.63 20.89
CA ILE B 272 -20.41 -28.02 21.26
C ILE B 272 -19.67 -28.94 20.32
N LYS B 273 -19.78 -28.65 19.02
CA LYS B 273 -19.16 -29.40 17.94
C LYS B 273 -17.64 -29.55 18.07
N MET B 274 -16.96 -28.45 18.38
CA MET B 274 -15.52 -28.48 18.54
C MET B 274 -15.17 -29.33 19.75
N ALA B 275 -15.97 -29.19 20.80
CA ALA B 275 -15.74 -29.95 22.02
C ALA B 275 -15.85 -31.44 21.69
N GLU B 276 -16.87 -31.81 20.93
CA GLU B 276 -17.02 -33.20 20.55
C GLU B 276 -15.85 -33.68 19.69
N TRP B 277 -15.45 -32.92 18.67
CA TRP B 277 -14.32 -33.33 17.85
C TRP B 277 -13.06 -33.56 18.69
N MET B 278 -12.77 -32.64 19.61
CA MET B 278 -11.59 -32.79 20.45
C MET B 278 -11.69 -34.02 21.36
N GLN B 279 -12.91 -34.40 21.73
CA GLN B 279 -13.10 -35.55 22.59
C GLN B 279 -12.79 -36.81 21.80
N THR B 280 -13.28 -36.88 20.57
CA THR B 280 -13.00 -38.05 19.77
C THR B 280 -11.55 -38.07 19.27
N LEU B 281 -10.89 -36.92 19.23
CA LEU B 281 -9.50 -36.91 18.79
C LEU B 281 -8.70 -37.68 19.84
N LYS B 282 -8.96 -37.37 21.10
CA LYS B 282 -8.27 -38.04 22.21
C LYS B 282 -8.45 -39.54 22.18
N GLU B 283 -9.70 -39.99 22.02
CA GLU B 283 -9.99 -41.41 21.98
C GLU B 283 -9.10 -42.20 21.04
N THR B 284 -8.62 -41.57 19.99
CA THR B 284 -7.75 -42.28 19.05
C THR B 284 -6.38 -42.49 19.67
N GLY B 285 -6.07 -41.68 20.68
CA GLY B 285 -4.79 -41.80 21.35
C GLY B 285 -3.67 -41.21 20.53
N PHE B 286 -4.01 -40.73 19.34
CA PHE B 286 -3.05 -40.12 18.45
C PHE B 286 -2.48 -38.88 19.11
N ASP B 287 -1.15 -38.83 19.20
CA ASP B 287 -0.46 -37.70 19.80
C ASP B 287 -0.27 -36.65 18.70
N ILE B 288 -1.19 -35.71 18.65
CA ILE B 288 -1.15 -34.68 17.64
C ILE B 288 0.09 -33.76 17.69
N ARG B 289 0.49 -33.30 18.88
CA ARG B 289 1.67 -32.43 18.94
C ARG B 289 2.99 -33.16 18.68
N ALA B 290 3.05 -34.45 18.98
CA ALA B 290 4.26 -35.23 18.72
C ALA B 290 4.39 -35.31 17.20
N TYR B 291 3.24 -35.41 16.54
CA TYR B 291 3.17 -35.49 15.09
C TYR B 291 3.73 -34.22 14.47
N ARG B 292 3.35 -33.08 15.05
CA ARG B 292 3.84 -31.79 14.55
C ARG B 292 5.33 -31.60 14.78
N ASP B 293 5.83 -32.03 15.93
CA ASP B 293 7.27 -31.89 16.22
C ASP B 293 8.05 -32.72 15.23
N ALA B 294 7.46 -33.84 14.81
CA ALA B 294 8.13 -34.69 13.84
C ALA B 294 8.25 -33.90 12.53
N ALA B 295 7.16 -33.29 12.09
CA ALA B 295 7.21 -32.53 10.85
C ALA B 295 8.25 -31.41 10.96
N ASP B 296 8.34 -30.78 12.13
CA ASP B 296 9.30 -29.71 12.32
C ASP B 296 10.73 -30.28 12.21
N GLN B 297 10.96 -31.40 12.88
CA GLN B 297 12.28 -32.04 12.82
C GLN B 297 12.62 -32.37 11.38
N ARG B 298 11.72 -33.09 10.72
CA ARG B 298 11.90 -33.48 9.34
C ARG B 298 12.22 -32.30 8.44
N ALA B 299 11.58 -31.17 8.70
CA ALA B 299 11.79 -29.99 7.88
C ALA B 299 13.19 -29.42 8.01
N ASP B 300 13.68 -29.33 9.25
CA ASP B 300 15.01 -28.79 9.49
C ASP B 300 16.13 -29.64 8.91
N LEU B 301 15.96 -30.96 8.91
CA LEU B 301 16.98 -31.83 8.33
C LEU B 301 17.16 -31.52 6.85
N ARG B 302 16.04 -31.42 6.13
CA ARG B 302 16.09 -31.13 4.69
C ARG B 302 16.94 -29.91 4.41
N THR B 303 16.82 -28.90 5.27
CA THR B 303 17.58 -27.66 5.08
C THR B 303 19.06 -27.88 5.36
N LEU B 304 19.38 -29.02 5.97
CA LEU B 304 20.77 -29.36 6.30
C LEU B 304 21.23 -30.52 5.41
N THR B 305 20.96 -30.41 4.12
CA THR B 305 21.33 -31.41 3.13
C THR B 305 22.76 -31.15 2.63
N PRO B 306 23.17 -31.81 1.53
CA PRO B 306 24.53 -31.56 1.04
C PRO B 306 24.62 -30.25 0.25
N GLY B 307 24.71 -30.36 -1.07
CA GLY B 307 24.79 -29.18 -1.91
C GLY B 307 25.35 -29.51 -3.29
N MET C 1 3.71 28.91 -12.52
CA MET C 1 4.72 28.15 -11.75
C MET C 1 4.26 27.95 -10.31
N MET C 2 3.56 26.84 -10.06
CA MET C 2 3.08 26.54 -8.71
C MET C 2 3.66 25.26 -8.15
N SER C 3 4.79 25.38 -7.44
CA SER C 3 5.41 24.21 -6.84
C SER C 3 4.60 23.80 -5.62
N ILE C 4 4.59 22.50 -5.34
CA ILE C 4 3.87 21.99 -4.19
C ILE C 4 4.88 21.48 -3.18
N ALA C 5 4.51 21.47 -1.91
CA ALA C 5 5.41 21.01 -0.88
C ALA C 5 4.65 20.86 0.43
N GLN C 6 5.22 20.09 1.34
CA GLN C 6 4.60 19.90 2.64
C GLN C 6 4.97 21.11 3.47
N VAL C 7 4.07 21.53 4.35
CA VAL C 7 4.36 22.69 5.19
C VAL C 7 5.31 22.30 6.31
N ARG C 8 6.35 23.10 6.50
CA ARG C 8 7.31 22.84 7.56
C ARG C 8 6.54 22.68 8.86
N SER C 9 7.00 21.80 9.74
CA SER C 9 6.33 21.54 11.01
C SER C 9 5.77 22.85 11.59
N ALA C 10 4.56 22.77 12.16
CA ALA C 10 3.90 23.94 12.74
C ALA C 10 4.87 24.83 13.50
N GLY C 11 6.01 24.27 13.89
CA GLY C 11 7.01 25.04 14.60
C GLY C 11 7.66 26.08 13.72
N SER C 12 8.88 25.79 13.26
CA SER C 12 9.63 26.70 12.40
C SER C 12 8.83 27.26 11.24
N ALA C 13 7.64 26.71 11.01
CA ALA C 13 6.78 27.17 9.93
C ALA C 13 6.17 28.53 10.23
N GLY C 14 6.81 29.26 11.14
CA GLY C 14 6.32 30.58 11.50
C GLY C 14 7.43 31.59 11.37
N ASN C 15 8.66 31.14 11.61
CA ASN C 15 9.84 32.00 11.52
C ASN C 15 10.42 31.97 10.12
N TYR C 16 10.04 30.94 9.38
CA TYR C 16 10.52 30.78 8.01
C TYR C 16 9.61 31.53 7.04
N TYR C 17 8.38 31.78 7.48
CA TYR C 17 7.39 32.48 6.64
C TYR C 17 7.25 33.98 6.91
N THR C 18 7.67 34.44 8.08
CA THR C 18 7.52 35.85 8.42
C THR C 18 8.79 36.66 8.66
N ASP C 19 9.94 36.00 8.78
CA ASP C 19 11.19 36.73 9.00
C ASP C 19 11.38 37.75 7.88
N LYS C 20 11.66 38.99 8.26
CA LYS C 20 11.84 40.09 7.32
C LYS C 20 12.94 39.89 6.27
N ASP C 21 13.83 38.94 6.51
CA ASP C 21 14.93 38.68 5.58
C ASP C 21 14.41 38.31 4.19
N ASN C 22 13.27 37.62 4.14
CA ASN C 22 12.66 37.19 2.89
C ASN C 22 12.11 38.35 2.08
N TYR C 23 10.95 38.87 2.51
CA TYR C 23 10.27 39.97 1.84
C TYR C 23 10.97 41.30 1.96
N TYR C 24 12.30 41.31 1.84
CA TYR C 24 13.03 42.55 1.95
C TYR C 24 12.82 43.52 0.79
N VAL C 25 13.53 43.29 -0.30
CA VAL C 25 13.45 44.16 -1.49
C VAL C 25 12.06 44.70 -1.81
N LEU C 26 11.03 43.91 -1.57
CA LEU C 26 9.66 44.36 -1.83
C LEU C 26 9.36 45.54 -0.92
N GLY C 27 9.71 45.38 0.34
CA GLY C 27 9.47 46.42 1.34
C GLY C 27 8.66 45.81 2.46
N SER C 28 7.39 45.54 2.19
CA SER C 28 6.48 44.93 3.16
C SER C 28 6.48 43.43 2.92
N MET C 29 5.38 42.78 3.31
CA MET C 29 5.25 41.33 3.14
C MET C 29 3.88 40.96 2.56
N GLY C 30 2.93 41.89 2.63
CA GLY C 30 1.61 41.62 2.12
C GLY C 30 1.00 40.40 2.79
N GLU C 31 1.63 39.93 3.86
CA GLU C 31 1.15 38.76 4.60
C GLU C 31 -0.33 38.89 4.93
N ARG C 32 -1.15 38.01 4.37
CA ARG C 32 -2.59 38.05 4.61
C ARG C 32 -3.29 36.70 4.51
N TRP C 33 -4.38 36.55 5.28
CA TRP C 33 -5.15 35.32 5.28
C TRP C 33 -6.01 35.27 4.03
N ALA C 34 -6.59 34.12 3.74
CA ALA C 34 -7.43 33.97 2.56
C ALA C 34 -8.32 32.74 2.63
N GLY C 35 -9.31 32.68 1.74
CA GLY C 35 -10.22 31.56 1.70
C GLY C 35 -11.31 31.68 2.75
N ARG C 36 -12.47 31.10 2.47
CA ARG C 36 -13.60 31.15 3.41
C ARG C 36 -13.18 30.81 4.83
N GLY C 37 -12.49 29.69 5.00
CA GLY C 37 -12.04 29.28 6.31
C GLY C 37 -11.54 30.42 7.17
N ALA C 38 -10.48 31.08 6.71
CA ALA C 38 -9.90 32.20 7.45
C ALA C 38 -10.99 33.19 7.82
N GLU C 39 -11.93 33.40 6.90
CA GLU C 39 -13.03 34.32 7.14
C GLU C 39 -13.92 33.78 8.25
N GLN C 40 -14.37 32.54 8.08
CA GLN C 40 -15.24 31.89 9.05
C GLN C 40 -14.61 31.91 10.45
N LEU C 41 -13.30 32.09 10.50
CA LEU C 41 -12.56 32.12 11.76
C LEU C 41 -12.11 33.53 12.14
N GLY C 42 -12.69 34.54 11.51
CA GLY C 42 -12.34 35.91 11.79
C GLY C 42 -10.87 36.22 11.55
N LEU C 43 -10.31 35.60 10.51
CA LEU C 43 -8.91 35.80 10.16
C LEU C 43 -8.77 36.59 8.86
N GLN C 44 -8.83 37.91 8.96
CA GLN C 44 -8.68 38.75 7.78
C GLN C 44 -7.60 39.79 8.02
N GLY C 45 -6.95 40.21 6.93
CA GLY C 45 -5.89 41.18 7.06
C GLY C 45 -4.59 40.50 7.41
N SER C 46 -3.76 41.18 8.20
CA SER C 46 -2.46 40.63 8.61
C SER C 46 -2.61 39.28 9.31
N VAL C 47 -1.49 38.58 9.47
CA VAL C 47 -1.47 37.28 10.12
C VAL C 47 -0.68 37.36 11.43
N ASP C 48 -1.03 36.49 12.38
CA ASP C 48 -0.35 36.47 13.67
C ASP C 48 0.58 35.26 13.76
N LYS C 49 1.84 35.51 14.09
CA LYS C 49 2.84 34.44 14.17
C LYS C 49 2.47 33.34 15.17
N ASP C 50 1.31 33.48 15.82
CA ASP C 50 0.85 32.49 16.77
C ASP C 50 -0.48 31.89 16.34
N VAL C 51 -1.44 32.77 16.02
CA VAL C 51 -2.74 32.30 15.59
C VAL C 51 -2.58 31.37 14.40
N PHE C 52 -1.45 31.50 13.71
CA PHE C 52 -1.16 30.66 12.55
C PHE C 52 -0.51 29.35 12.97
N THR C 53 0.60 29.44 13.68
CA THR C 53 1.31 28.24 14.13
C THR C 53 0.32 27.36 14.86
N ARG C 54 -0.57 27.98 15.63
CA ARG C 54 -1.56 27.22 16.37
C ARG C 54 -2.51 26.57 15.37
N LEU C 55 -2.73 27.26 14.26
CA LEU C 55 -3.60 26.76 13.21
C LEU C 55 -2.95 25.57 12.54
N LEU C 56 -1.63 25.64 12.39
CA LEU C 56 -0.87 24.55 11.77
C LEU C 56 -0.92 23.33 12.68
N GLU C 57 -0.93 23.56 13.99
CA GLU C 57 -0.99 22.47 14.95
C GLU C 57 -2.43 21.99 15.06
N GLY C 58 -3.22 22.28 14.03
CA GLY C 58 -4.61 21.87 14.02
C GLY C 58 -5.46 22.55 15.08
N ARG C 59 -4.91 23.59 15.70
CA ARG C 59 -5.60 24.33 16.75
C ARG C 59 -6.13 25.66 16.21
N LEU C 60 -7.38 25.65 15.77
CA LEU C 60 -8.02 26.83 15.21
C LEU C 60 -8.28 27.89 16.29
N PRO C 61 -8.63 29.12 15.86
CA PRO C 61 -8.91 30.21 16.80
C PRO C 61 -10.30 30.18 17.45
N ASP C 62 -11.21 29.39 16.90
CA ASP C 62 -12.57 29.30 17.43
C ASP C 62 -12.72 28.17 18.44
N GLY C 63 -11.76 28.06 19.35
CA GLY C 63 -11.81 27.03 20.37
C GLY C 63 -12.22 25.67 19.83
N ALA C 64 -11.35 25.08 19.03
CA ALA C 64 -11.61 23.77 18.43
C ALA C 64 -10.39 23.29 17.68
N ASP C 65 -9.75 22.24 18.19
CA ASP C 65 -8.55 21.69 17.55
C ASP C 65 -8.73 20.21 17.23
N LEU C 66 -7.79 19.68 16.46
CA LEU C 66 -7.83 18.28 16.07
C LEU C 66 -6.44 17.64 16.21
N SER C 67 -5.48 18.44 16.66
CA SER C 67 -4.11 17.97 16.83
C SER C 67 -4.02 16.59 17.46
N ARG C 68 -3.01 15.82 17.04
CA ARG C 68 -2.80 14.47 17.56
C ARG C 68 -1.44 14.40 18.27
N MET C 69 -1.44 14.58 19.58
CA MET C 69 -0.21 14.51 20.36
C MET C 69 0.21 13.05 20.51
N GLN C 70 1.43 12.73 20.09
CA GLN C 70 1.94 11.37 20.15
C GLN C 70 3.43 11.32 20.50
N ASP C 71 3.74 10.66 21.62
CA ASP C 71 5.12 10.51 22.07
C ASP C 71 5.97 11.79 21.96
N GLY C 72 5.59 12.79 22.75
CA GLY C 72 6.32 14.05 22.75
C GLY C 72 6.37 14.79 21.43
N SER C 73 5.22 14.91 20.76
CA SER C 73 5.12 15.62 19.49
C SER C 73 3.74 15.45 18.87
N ASN C 74 3.33 16.42 18.06
CA ASN C 74 2.03 16.37 17.42
C ASN C 74 2.15 15.78 16.02
N ARG C 75 1.37 14.73 15.75
CA ARG C 75 1.41 14.09 14.44
C ARG C 75 0.20 14.45 13.60
N HIS C 76 -0.13 15.74 13.59
CA HIS C 76 -1.25 16.27 12.83
C HIS C 76 -0.71 17.00 11.60
N ARG C 77 -1.07 16.51 10.44
CA ARG C 77 -0.64 17.07 9.17
C ARG C 77 -0.73 18.59 9.16
N PRO C 78 0.42 19.29 9.29
CA PRO C 78 0.47 20.76 9.30
C PRO C 78 -0.34 21.36 8.17
N GLY C 79 0.18 21.25 6.96
CA GLY C 79 -0.52 21.77 5.81
C GLY C 79 0.31 21.63 4.55
N TYR C 80 -0.13 22.33 3.52
CA TYR C 80 0.52 22.29 2.22
C TYR C 80 1.07 23.68 1.91
N ASP C 81 2.17 23.71 1.18
CA ASP C 81 2.79 24.99 0.82
C ASP C 81 2.74 25.15 -0.68
N LEU C 82 1.83 25.99 -1.17
CA LEU C 82 1.71 26.23 -2.59
C LEU C 82 2.44 27.51 -2.99
N THR C 83 3.66 27.36 -3.49
CA THR C 83 4.46 28.50 -3.89
C THR C 83 4.26 28.92 -5.35
N PHE C 84 3.82 30.16 -5.53
CA PHE C 84 3.61 30.71 -6.87
C PHE C 84 4.72 31.70 -7.19
N SER C 85 5.53 31.34 -8.18
CA SER C 85 6.65 32.18 -8.59
C SER C 85 6.28 32.96 -9.85
N ALA C 86 6.84 34.15 -10.00
CA ALA C 86 6.56 34.97 -11.17
C ALA C 86 7.72 34.94 -12.13
N PRO C 87 7.46 35.24 -13.41
CA PRO C 87 8.58 35.22 -14.36
C PRO C 87 9.73 36.08 -13.88
N LYS C 88 10.95 35.67 -14.21
CA LYS C 88 12.14 36.41 -13.78
C LYS C 88 12.11 37.84 -14.29
N SER C 89 11.71 38.01 -15.55
CA SER C 89 11.67 39.35 -16.14
C SER C 89 10.75 40.24 -15.30
N VAL C 90 9.66 39.66 -14.79
CA VAL C 90 8.73 40.42 -13.97
C VAL C 90 9.35 40.79 -12.63
N SER C 91 9.83 39.78 -11.90
CA SER C 91 10.44 40.03 -10.61
C SER C 91 11.44 41.17 -10.74
N MET C 92 12.13 41.18 -11.89
CA MET C 92 13.11 42.22 -12.17
C MET C 92 12.46 43.59 -12.33
N MET C 93 11.42 43.67 -13.16
CA MET C 93 10.74 44.93 -13.39
C MET C 93 10.00 45.37 -12.14
N ALA C 94 9.44 44.42 -11.39
CA ALA C 94 8.72 44.75 -10.16
C ALA C 94 9.74 45.37 -9.22
N MET C 95 10.41 44.53 -8.44
CA MET C 95 11.43 45.01 -7.52
C MET C 95 12.63 45.43 -8.37
N LEU C 96 13.56 46.16 -7.78
CA LEU C 96 14.74 46.65 -8.48
C LEU C 96 14.41 47.32 -9.82
N GLY C 97 13.13 47.36 -10.16
CA GLY C 97 12.72 47.99 -11.40
C GLY C 97 11.83 49.17 -11.05
N GLY C 98 11.33 49.17 -9.82
CA GLY C 98 10.47 50.25 -9.37
C GLY C 98 9.00 49.94 -9.49
N ASP C 99 8.53 49.69 -10.71
CA ASP C 99 7.12 49.40 -10.95
C ASP C 99 6.59 48.36 -9.98
N LYS C 100 5.96 48.83 -8.91
CA LYS C 100 5.41 47.93 -7.92
C LYS C 100 3.95 47.65 -8.20
N ARG C 101 3.51 48.06 -9.39
CA ARG C 101 2.15 47.83 -9.82
C ARG C 101 2.06 46.34 -10.13
N LEU C 102 3.15 45.81 -10.66
CA LEU C 102 3.27 44.40 -11.03
C LEU C 102 2.98 43.54 -9.82
N ILE C 103 3.36 44.02 -8.65
CA ILE C 103 3.12 43.28 -7.43
C ILE C 103 1.63 43.17 -7.22
N ASP C 104 0.91 44.24 -7.53
CA ASP C 104 -0.53 44.24 -7.37
C ASP C 104 -1.09 43.17 -8.30
N ALA C 105 -0.54 43.09 -9.49
CA ALA C 105 -0.97 42.09 -10.46
C ALA C 105 -0.69 40.70 -9.89
N HIS C 106 0.56 40.46 -9.54
CA HIS C 106 0.99 39.18 -8.96
C HIS C 106 -0.01 38.71 -7.91
N ASN C 107 -0.22 39.54 -6.90
CA ASN C 107 -1.13 39.23 -5.81
C ASN C 107 -2.54 38.92 -6.30
N GLN C 108 -2.98 39.63 -7.32
CA GLN C 108 -4.31 39.39 -7.87
C GLN C 108 -4.33 38.07 -8.66
N ALA C 109 -3.17 37.64 -9.11
CA ALA C 109 -3.10 36.40 -9.85
C ALA C 109 -3.16 35.26 -8.83
N VAL C 110 -2.36 35.38 -7.77
CA VAL C 110 -2.35 34.36 -6.73
C VAL C 110 -3.76 34.14 -6.21
N ASP C 111 -4.45 35.26 -5.92
CA ASP C 111 -5.81 35.21 -5.41
C ASP C 111 -6.73 34.42 -6.33
N PHE C 112 -6.56 34.64 -7.63
CA PHE C 112 -7.37 33.95 -8.64
C PHE C 112 -7.14 32.44 -8.64
N ALA C 113 -5.88 32.04 -8.55
CA ALA C 113 -5.51 30.63 -8.54
C ALA C 113 -5.96 29.97 -7.23
N VAL C 114 -5.52 30.53 -6.12
CA VAL C 114 -5.86 30.00 -4.82
C VAL C 114 -7.38 29.79 -4.68
N ARG C 115 -8.16 30.60 -5.38
CA ARG C 115 -9.61 30.47 -5.30
C ARG C 115 -10.13 29.31 -6.17
N GLN C 116 -9.28 28.79 -7.04
CA GLN C 116 -9.65 27.65 -7.88
C GLN C 116 -9.18 26.42 -7.10
N VAL C 117 -8.00 26.55 -6.51
CA VAL C 117 -7.42 25.49 -5.71
C VAL C 117 -8.40 25.23 -4.57
N GLU C 118 -9.06 26.28 -4.12
CA GLU C 118 -10.04 26.17 -3.03
C GLU C 118 -11.25 25.39 -3.51
N ALA C 119 -11.47 25.40 -4.82
CA ALA C 119 -12.60 24.69 -5.42
C ALA C 119 -12.40 23.19 -5.32
N LEU C 120 -11.19 22.78 -4.98
CA LEU C 120 -10.87 21.37 -4.86
C LEU C 120 -10.99 20.89 -3.42
N ALA C 121 -10.68 21.79 -2.48
CA ALA C 121 -10.74 21.48 -1.05
C ALA C 121 -11.81 20.45 -0.74
N SER C 122 -11.51 19.57 0.21
CA SER C 122 -12.45 18.52 0.60
C SER C 122 -11.92 17.69 1.76
N THR C 123 -12.78 16.84 2.30
CA THR C 123 -12.42 15.99 3.41
C THR C 123 -13.08 14.63 3.22
N ARG C 124 -12.48 13.60 3.80
CA ARG C 124 -13.00 12.24 3.67
C ARG C 124 -13.97 11.90 4.79
N VAL C 125 -15.14 11.40 4.42
CA VAL C 125 -16.15 11.01 5.39
C VAL C 125 -16.84 9.74 4.91
N MET C 126 -16.87 8.73 5.78
CA MET C 126 -17.51 7.47 5.45
C MET C 126 -18.93 7.46 6.00
N THR C 127 -19.87 7.10 5.13
CA THR C 127 -21.28 7.04 5.50
C THR C 127 -21.87 5.75 4.94
N ASP C 128 -22.17 4.81 5.83
CA ASP C 128 -22.72 3.51 5.47
C ASP C 128 -21.60 2.54 5.08
N GLY C 129 -20.46 2.67 5.75
CA GLY C 129 -19.31 1.81 5.48
C GLY C 129 -18.52 2.25 4.26
N GLN C 130 -19.13 3.10 3.44
CA GLN C 130 -18.48 3.61 2.24
C GLN C 130 -17.75 4.91 2.53
N SER C 131 -16.42 4.87 2.48
CA SER C 131 -15.63 6.06 2.73
C SER C 131 -15.31 6.75 1.40
N GLU C 132 -15.73 8.00 1.30
CA GLU C 132 -15.48 8.78 0.09
C GLU C 132 -15.22 10.23 0.49
N THR C 133 -14.50 10.95 -0.37
CA THR C 133 -14.18 12.34 -0.12
C THR C 133 -15.36 13.19 -0.55
N VAL C 134 -15.73 14.16 0.29
CA VAL C 134 -16.84 15.05 -0.01
C VAL C 134 -16.35 16.49 -0.19
N LEU C 135 -16.44 16.99 -1.42
CA LEU C 135 -15.99 18.35 -1.73
C LEU C 135 -16.51 19.36 -0.71
N THR C 136 -15.59 20.11 -0.13
CA THR C 136 -15.94 21.13 0.86
C THR C 136 -16.23 22.43 0.11
N GLY C 137 -15.20 23.26 -0.02
CA GLY C 137 -15.35 24.53 -0.70
C GLY C 137 -14.46 25.60 -0.12
N ASN C 138 -14.18 25.51 1.18
CA ASN C 138 -13.34 26.49 1.85
C ASN C 138 -11.94 25.99 2.16
N LEU C 139 -11.13 26.86 2.75
CA LEU C 139 -9.76 26.55 3.13
C LEU C 139 -9.26 27.67 4.05
N VAL C 140 -8.25 27.39 4.86
CA VAL C 140 -7.70 28.40 5.77
C VAL C 140 -6.28 28.69 5.31
N MET C 141 -6.11 29.75 4.55
CA MET C 141 -4.80 30.08 4.02
C MET C 141 -4.11 31.35 4.50
N ALA C 142 -2.79 31.31 4.49
CA ALA C 142 -1.95 32.43 4.89
C ALA C 142 -0.89 32.61 3.81
N LEU C 143 -1.12 33.55 2.90
CA LEU C 143 -0.18 33.78 1.80
C LEU C 143 0.92 34.78 2.16
N PHE C 144 2.17 34.45 1.88
CA PHE C 144 3.30 35.32 2.18
C PHE C 144 4.03 35.66 0.88
N ASN C 145 4.60 36.86 0.79
CA ASN C 145 5.33 37.25 -0.41
C ASN C 145 6.81 37.47 -0.12
N HIS C 146 7.68 36.82 -0.89
CA HIS C 146 9.12 36.95 -0.73
C HIS C 146 9.75 37.59 -1.97
N ASP C 147 11.07 37.62 -2.04
CA ASP C 147 11.74 38.23 -3.19
C ASP C 147 13.05 37.58 -3.65
N THR C 148 13.46 36.50 -2.99
CA THR C 148 14.71 35.86 -3.37
C THR C 148 14.57 34.35 -3.59
N SER C 149 15.27 33.85 -4.60
CA SER C 149 15.25 32.42 -4.93
C SER C 149 16.27 31.65 -4.14
N ARG C 150 16.30 30.33 -4.34
CA ARG C 150 17.25 29.47 -3.65
C ARG C 150 18.67 30.02 -3.77
N ASP C 151 19.14 30.14 -5.00
CA ASP C 151 20.48 30.65 -5.27
C ASP C 151 20.56 32.17 -5.18
N GLN C 152 19.65 32.75 -4.40
CA GLN C 152 19.59 34.19 -4.17
C GLN C 152 19.48 35.01 -5.46
N GLU C 153 18.29 35.00 -6.05
CA GLU C 153 18.03 35.73 -7.27
C GLU C 153 16.74 36.54 -7.14
N PRO C 154 16.48 37.45 -8.09
CA PRO C 154 15.27 38.27 -8.03
C PRO C 154 14.05 37.42 -8.39
N GLN C 155 13.44 36.80 -7.39
CA GLN C 155 12.27 35.98 -7.64
C GLN C 155 11.11 36.37 -6.74
N LEU C 156 10.15 37.07 -7.32
CA LEU C 156 8.96 37.48 -6.59
C LEU C 156 8.00 36.30 -6.56
N HIS C 157 7.55 35.93 -5.37
CA HIS C 157 6.61 34.82 -5.24
C HIS C 157 5.72 34.95 -4.02
N THR C 158 4.78 34.02 -3.90
CA THR C 158 3.84 33.99 -2.78
C THR C 158 3.72 32.55 -2.29
N HIS C 159 3.81 32.36 -0.99
CA HIS C 159 3.69 31.02 -0.40
C HIS C 159 2.26 30.81 0.09
N ALA C 160 1.47 30.10 -0.68
CA ALA C 160 0.08 29.85 -0.27
C ALA C 160 0.02 28.69 0.71
N VAL C 161 0.23 28.99 2.00
CA VAL C 161 0.18 27.97 3.03
C VAL C 161 -1.28 27.60 3.30
N VAL C 162 -1.66 26.42 2.83
CA VAL C 162 -3.02 25.91 2.97
C VAL C 162 -3.17 25.00 4.18
N ALA C 163 -3.37 25.60 5.36
CA ALA C 163 -3.54 24.83 6.60
C ALA C 163 -4.35 23.56 6.35
N ASN C 164 -3.99 22.48 7.04
CA ASN C 164 -4.69 21.22 6.86
C ASN C 164 -6.00 21.19 7.62
N VAL C 165 -6.92 22.06 7.22
CA VAL C 165 -8.22 22.16 7.87
C VAL C 165 -9.30 22.69 6.92
N THR C 166 -10.48 22.08 6.97
CA THR C 166 -11.60 22.50 6.15
C THR C 166 -12.82 22.41 7.08
N GLN C 167 -14.02 22.62 6.55
CA GLN C 167 -15.22 22.55 7.38
C GLN C 167 -16.41 21.92 6.68
N HIS C 168 -16.90 20.80 7.22
CA HIS C 168 -18.04 20.10 6.64
C HIS C 168 -19.19 20.04 7.64
N ASN C 169 -20.38 20.45 7.20
CA ASN C 169 -21.56 20.46 8.04
C ASN C 169 -21.27 20.96 9.45
N GLY C 170 -20.74 22.17 9.54
CA GLY C 170 -20.43 22.77 10.81
C GLY C 170 -19.29 22.13 11.58
N GLU C 171 -18.68 21.10 11.00
CA GLU C 171 -17.57 20.42 11.67
C GLU C 171 -16.21 20.76 11.07
N TRP C 172 -15.25 21.05 11.95
CA TRP C 172 -13.89 21.36 11.52
C TRP C 172 -13.10 20.07 11.37
N LYS C 173 -13.13 19.51 10.16
CA LYS C 173 -12.43 18.26 9.85
C LYS C 173 -11.13 18.55 9.09
N THR C 174 -10.25 17.56 9.00
CA THR C 174 -8.97 17.71 8.32
C THR C 174 -9.06 17.55 6.80
N LEU C 175 -8.12 18.17 6.10
CA LEU C 175 -8.06 18.10 4.64
C LEU C 175 -7.40 16.79 4.20
N SER C 176 -6.42 16.35 4.99
CA SER C 176 -5.68 15.13 4.69
C SER C 176 -6.44 13.88 5.13
N SER C 177 -6.04 12.74 4.57
CA SER C 177 -6.64 11.46 4.91
C SER C 177 -5.56 10.52 5.44
N ASP C 178 -5.87 9.82 6.52
CA ASP C 178 -4.93 8.88 7.12
C ASP C 178 -5.16 7.49 6.53
N LYS C 179 -6.15 7.40 5.63
CA LYS C 179 -6.51 6.14 5.00
C LYS C 179 -6.24 6.19 3.50
N VAL C 180 -5.05 5.77 3.09
CA VAL C 180 -4.68 5.77 1.67
C VAL C 180 -5.80 5.16 0.83
N GLY C 181 -6.13 5.83 -0.28
CA GLY C 181 -7.19 5.33 -1.13
C GLY C 181 -7.61 6.32 -2.19
N LYS C 182 -8.91 6.32 -2.49
CA LYS C 182 -9.48 7.21 -3.49
C LYS C 182 -8.88 8.61 -3.45
N THR C 183 -8.48 9.09 -4.63
CA THR C 183 -7.86 10.40 -4.79
C THR C 183 -8.42 11.47 -3.84
N GLY C 184 -7.54 12.08 -3.07
CA GLY C 184 -7.95 13.11 -2.15
C GLY C 184 -7.54 14.50 -2.62
N PHE C 185 -7.59 15.46 -1.71
CA PHE C 185 -7.24 16.85 -2.01
C PHE C 185 -5.84 17.01 -2.59
N ILE C 186 -4.84 16.94 -1.73
CA ILE C 186 -3.47 17.12 -2.16
C ILE C 186 -3.14 16.36 -3.45
N GLU C 187 -3.81 15.23 -3.66
CA GLU C 187 -3.60 14.43 -4.87
C GLU C 187 -4.18 15.17 -6.07
N ASN C 188 -5.27 15.90 -5.84
CA ASN C 188 -5.91 16.67 -6.92
C ASN C 188 -5.03 17.88 -7.24
N VAL C 189 -4.48 18.51 -6.22
CA VAL C 189 -3.62 19.65 -6.44
C VAL C 189 -2.48 19.18 -7.33
N TYR C 190 -1.84 18.08 -6.95
CA TYR C 190 -0.72 17.54 -7.72
C TYR C 190 -1.11 17.18 -9.14
N ALA C 191 -2.30 16.63 -9.31
CA ALA C 191 -2.78 16.25 -10.62
C ALA C 191 -2.90 17.45 -11.55
N ASN C 192 -3.17 18.62 -10.97
CA ASN C 192 -3.31 19.85 -11.73
C ASN C 192 -2.21 20.87 -11.47
N GLN C 193 -1.05 20.41 -11.03
CA GLN C 193 0.05 21.31 -10.76
C GLN C 193 0.35 22.22 -11.96
N ILE C 194 0.67 21.64 -13.10
CA ILE C 194 0.94 22.44 -14.27
C ILE C 194 -0.19 23.44 -14.45
N ALA C 195 -1.40 22.96 -14.69
CA ALA C 195 -2.56 23.80 -14.91
C ALA C 195 -2.66 24.98 -13.94
N PHE C 196 -2.73 24.70 -12.65
CA PHE C 196 -2.82 25.77 -11.66
C PHE C 196 -1.70 26.78 -11.92
N GLY C 197 -0.49 26.27 -12.03
CA GLY C 197 0.65 27.14 -12.28
C GLY C 197 0.41 27.96 -13.53
N ARG C 198 -0.46 27.46 -14.40
CA ARG C 198 -0.76 28.15 -15.64
C ARG C 198 -1.78 29.25 -15.48
N LEU C 199 -2.96 28.92 -14.95
CA LEU C 199 -3.98 29.93 -14.81
C LEU C 199 -3.55 31.08 -13.91
N TYR C 200 -2.46 30.88 -13.17
CA TYR C 200 -1.94 31.96 -12.34
C TYR C 200 -1.15 32.83 -13.32
N ARG C 201 -0.21 32.18 -13.96
CA ARG C 201 0.69 32.77 -14.94
C ARG C 201 -0.09 33.56 -16.00
N GLU C 202 -1.32 33.14 -16.27
CA GLU C 202 -2.15 33.79 -17.27
C GLU C 202 -2.85 35.04 -16.73
N LYS C 203 -3.35 34.96 -15.50
CA LYS C 203 -4.02 36.10 -14.91
C LYS C 203 -3.00 37.23 -14.86
N LEU C 204 -1.76 36.86 -14.53
CA LEU C 204 -0.66 37.81 -14.46
C LEU C 204 -0.39 38.39 -15.84
N LYS C 205 -0.55 37.55 -16.86
CA LYS C 205 -0.35 37.96 -18.24
C LYS C 205 -1.28 39.13 -18.55
N GLU C 206 -2.57 38.94 -18.31
CA GLU C 206 -3.57 39.97 -18.55
C GLU C 206 -3.17 41.32 -17.99
N GLN C 207 -3.01 41.36 -16.67
CA GLN C 207 -2.64 42.59 -15.99
C GLN C 207 -1.38 43.25 -16.52
N VAL C 208 -0.32 42.46 -16.72
CA VAL C 208 0.94 42.97 -17.23
C VAL C 208 0.79 43.60 -18.61
N GLU C 209 0.04 42.95 -19.50
CA GLU C 209 -0.14 43.51 -20.84
C GLU C 209 -0.97 44.78 -20.80
N ALA C 210 -1.92 44.82 -19.88
CA ALA C 210 -2.79 45.98 -19.73
C ALA C 210 -1.96 47.14 -19.18
N LEU C 211 -1.11 46.87 -18.19
CA LEU C 211 -0.25 47.88 -17.60
C LEU C 211 0.69 48.43 -18.66
N GLY C 212 0.54 47.93 -19.90
CA GLY C 212 1.37 48.39 -20.98
C GLY C 212 2.47 47.50 -21.49
N TYR C 213 3.03 46.64 -20.63
CA TYR C 213 4.11 45.76 -21.07
C TYR C 213 3.75 44.73 -22.14
N GLU C 214 4.79 44.19 -22.77
CA GLU C 214 4.63 43.18 -23.80
C GLU C 214 5.12 41.85 -23.25
N THR C 215 4.56 40.75 -23.75
CA THR C 215 4.98 39.44 -23.28
C THR C 215 5.15 38.49 -24.46
N GLU C 216 6.13 37.60 -24.34
CA GLU C 216 6.42 36.62 -25.39
C GLU C 216 6.56 35.24 -24.74
N VAL C 217 5.84 34.25 -25.28
CA VAL C 217 5.93 32.89 -24.75
C VAL C 217 7.35 32.40 -25.00
N VAL C 218 7.94 31.76 -24.01
CA VAL C 218 9.31 31.28 -24.13
C VAL C 218 9.51 29.81 -23.73
N GLY C 219 8.40 29.10 -23.51
CA GLY C 219 8.49 27.70 -23.12
C GLY C 219 7.13 27.03 -23.10
N LYS C 220 7.08 25.83 -22.51
CA LYS C 220 5.83 25.07 -22.42
C LYS C 220 4.79 25.70 -21.51
N HIS C 221 3.57 25.18 -21.62
CA HIS C 221 2.43 25.60 -20.82
C HIS C 221 2.16 27.11 -20.74
N GLY C 222 2.92 27.89 -21.52
CA GLY C 222 2.71 29.32 -21.52
C GLY C 222 3.78 30.13 -20.85
N MET C 223 4.82 29.47 -20.33
CA MET C 223 5.91 30.19 -19.66
C MET C 223 6.32 31.38 -20.52
N TRP C 224 6.30 32.57 -19.94
CA TRP C 224 6.66 33.76 -20.69
C TRP C 224 7.48 34.75 -19.89
N GLU C 225 8.09 35.70 -20.59
CA GLU C 225 8.90 36.74 -20.01
C GLU C 225 8.63 38.04 -20.77
N MET C 226 9.19 39.14 -20.27
CA MET C 226 9.02 40.43 -20.93
C MET C 226 10.18 40.65 -21.89
N PRO C 227 9.87 40.79 -23.19
CA PRO C 227 10.85 41.01 -24.27
C PRO C 227 11.86 42.09 -23.98
N GLY C 228 13.15 41.75 -24.03
CA GLY C 228 14.18 42.74 -23.79
C GLY C 228 14.86 42.72 -22.44
N VAL C 229 14.15 42.31 -21.39
CA VAL C 229 14.75 42.28 -20.07
C VAL C 229 15.83 41.19 -19.98
N PRO C 230 17.08 41.59 -19.68
CA PRO C 230 18.20 40.66 -19.57
C PRO C 230 17.97 39.61 -18.48
N VAL C 231 17.24 38.56 -18.82
CA VAL C 231 16.93 37.49 -17.89
C VAL C 231 18.13 36.61 -17.56
N GLU C 232 18.82 36.16 -18.59
CA GLU C 232 19.99 35.29 -18.43
C GLU C 232 20.98 35.84 -17.41
N ALA C 233 20.99 37.16 -17.26
CA ALA C 233 21.90 37.82 -16.32
C ALA C 233 21.51 37.61 -14.87
N PHE C 234 20.83 36.48 -14.58
CA PHE C 234 20.41 36.15 -13.23
C PHE C 234 20.22 34.65 -13.10
N SER C 235 21.33 33.92 -13.05
CA SER C 235 21.32 32.46 -12.93
C SER C 235 20.53 31.82 -14.06
N HIS C 267 22.18 33.20 2.82
CA HIS C 267 23.26 32.95 3.78
C HIS C 267 24.23 34.12 3.85
N VAL C 268 23.79 35.28 3.36
CA VAL C 268 24.61 36.48 3.37
C VAL C 268 23.80 37.59 4.04
N ASP C 269 23.96 38.83 3.59
CA ASP C 269 23.23 39.96 4.16
C ASP C 269 22.39 40.60 3.04
N PRO C 270 21.08 40.79 3.29
CA PRO C 270 20.15 41.38 2.33
C PRO C 270 20.70 42.44 1.37
N GLU C 271 21.47 43.41 1.88
CA GLU C 271 22.00 44.44 1.00
C GLU C 271 23.09 43.93 0.05
N ILE C 272 23.91 43.00 0.53
CA ILE C 272 24.96 42.42 -0.31
C ILE C 272 24.26 42.00 -1.59
N LYS C 273 23.05 41.48 -1.41
CA LYS C 273 22.20 41.01 -2.49
C LYS C 273 21.74 42.15 -3.40
N MET C 274 20.96 43.07 -2.84
CA MET C 274 20.45 44.22 -3.58
C MET C 274 21.53 44.95 -4.37
N ALA C 275 22.63 45.27 -3.70
CA ALA C 275 23.73 45.98 -4.33
C ALA C 275 24.23 45.22 -5.57
N GLU C 276 24.61 43.96 -5.35
CA GLU C 276 25.10 43.12 -6.43
C GLU C 276 24.13 43.10 -7.62
N TRP C 277 22.83 43.00 -7.32
CA TRP C 277 21.82 42.98 -8.37
C TRP C 277 21.88 44.28 -9.17
N MET C 278 21.64 45.39 -8.49
CA MET C 278 21.67 46.71 -9.13
C MET C 278 22.93 46.85 -9.96
N GLN C 279 24.08 46.54 -9.36
CA GLN C 279 25.35 46.64 -10.03
C GLN C 279 25.37 45.86 -11.34
N THR C 280 25.17 44.54 -11.25
CA THR C 280 25.18 43.69 -12.44
C THR C 280 24.18 44.13 -13.50
N LEU C 281 22.98 44.54 -13.07
CA LEU C 281 21.96 44.99 -14.01
C LEU C 281 22.52 46.18 -14.78
N LYS C 282 23.14 47.09 -14.06
CA LYS C 282 23.72 48.29 -14.65
C LYS C 282 24.81 47.90 -15.64
N GLU C 283 25.37 46.71 -15.47
CA GLU C 283 26.43 46.21 -16.35
C GLU C 283 25.88 45.43 -17.54
N THR C 284 24.60 45.09 -17.48
CA THR C 284 23.96 44.34 -18.56
C THR C 284 23.64 45.25 -19.73
N GLY C 285 23.79 46.56 -19.51
CA GLY C 285 23.49 47.52 -20.55
C GLY C 285 22.00 47.58 -20.82
N PHE C 286 21.23 47.78 -19.75
CA PHE C 286 19.77 47.84 -19.87
C PHE C 286 19.23 49.11 -19.20
N ASP C 287 18.28 49.77 -19.86
CA ASP C 287 17.68 50.98 -19.31
C ASP C 287 16.36 50.65 -18.62
N ILE C 288 16.44 50.43 -17.33
CA ILE C 288 15.28 50.09 -16.51
C ILE C 288 14.09 51.02 -16.78
N ARG C 289 14.34 52.32 -16.73
CA ARG C 289 13.28 53.30 -16.94
C ARG C 289 12.83 53.45 -18.38
N ALA C 290 13.77 53.56 -19.31
CA ALA C 290 13.43 53.71 -20.72
C ALA C 290 12.44 52.65 -21.14
N TYR C 291 12.57 51.47 -20.56
CA TYR C 291 11.67 50.37 -20.87
C TYR C 291 10.28 50.61 -20.29
N ARG C 292 10.22 50.98 -19.01
CA ARG C 292 8.94 51.22 -18.37
C ARG C 292 8.14 52.31 -19.09
N ASP C 293 8.83 53.33 -19.58
CA ASP C 293 8.16 54.41 -20.31
C ASP C 293 7.41 53.86 -21.50
N ALA C 294 8.12 53.19 -22.39
CA ALA C 294 7.52 52.60 -23.58
C ALA C 294 6.23 51.89 -23.18
N ALA C 295 6.24 51.27 -22.01
CA ALA C 295 5.07 50.58 -21.51
C ALA C 295 3.93 51.57 -21.37
N ASP C 296 4.16 52.61 -20.57
CA ASP C 296 3.15 53.64 -20.34
C ASP C 296 2.65 54.19 -21.67
N GLN C 297 3.58 54.55 -22.56
CA GLN C 297 3.21 55.07 -23.87
C GLN C 297 2.35 54.04 -24.59
N ARG C 298 2.90 52.83 -24.68
CA ARG C 298 2.23 51.70 -25.32
C ARG C 298 0.85 51.51 -24.72
N ALA C 299 0.72 51.77 -23.43
CA ALA C 299 -0.55 51.63 -22.76
C ALA C 299 -1.49 52.79 -23.08
N ASP C 300 -0.97 54.01 -22.99
CA ASP C 300 -1.77 55.20 -23.25
C ASP C 300 -2.37 55.20 -24.63
N LEU C 301 -1.58 54.77 -25.61
CA LEU C 301 -2.05 54.73 -26.98
C LEU C 301 -3.32 53.88 -27.10
N ARG C 302 -3.38 52.80 -26.33
CA ARG C 302 -4.53 51.89 -26.35
C ARG C 302 -5.82 52.62 -26.02
N THR C 303 -5.87 53.22 -24.83
CA THR C 303 -7.05 53.94 -24.40
C THR C 303 -7.49 54.93 -25.47
N LEU C 304 -6.53 55.36 -26.28
CA LEU C 304 -6.79 56.30 -27.37
C LEU C 304 -7.02 55.52 -28.66
N THR C 305 -8.28 55.37 -29.06
CA THR C 305 -8.59 54.61 -30.28
C THR C 305 -9.23 55.44 -31.39
N PRO C 306 -10.54 55.74 -31.30
CA PRO C 306 -11.17 56.53 -32.38
C PRO C 306 -10.49 57.86 -32.65
N GLY C 307 -10.37 58.22 -33.93
CA GLY C 307 -9.74 59.47 -34.30
C GLY C 307 -10.74 60.53 -34.72
MG MG D . 11.58 -0.08 7.18
C1 EDO E . 1.14 -15.21 -4.95
O1 EDO E . 0.38 -14.27 -5.70
C2 EDO E . 1.73 -16.30 -5.89
O2 EDO E . 1.35 -16.09 -7.26
C1 EDO F . -2.17 -8.31 1.13
O1 EDO F . -3.07 -8.76 0.12
C2 EDO F . -2.12 -6.76 1.15
O2 EDO F . -2.99 -6.22 0.14
C1 EDO G . 12.46 -25.58 1.97
O1 EDO G . 11.17 -25.13 2.42
C2 EDO G . 12.31 -26.30 0.60
O2 EDO G . 10.94 -26.32 0.16
C1 EDO H . 4.70 12.23 -21.84
O1 EDO H . 4.76 11.45 -20.64
C2 EDO H . 5.95 11.96 -22.71
O2 EDO H . 6.82 11.01 -22.08
C1 EDO I . 7.39 -18.28 8.50
O1 EDO I . 6.49 -19.03 9.32
C2 EDO I . 6.90 -16.82 8.32
O2 EDO I . 5.67 -16.57 9.00
MG MG J . -19.59 -24.65 3.65
C1 EDO K . -5.59 -28.12 -17.72
O1 EDO K . -5.07 -28.03 -19.05
C2 EDO K . -6.56 -26.96 -17.44
O2 EDO K . -6.69 -26.10 -18.59
C1 EDO L . -11.55 -4.66 6.82
O1 EDO L . -12.23 -5.91 6.80
C2 EDO L . -10.41 -4.69 7.85
O2 EDO L . -10.34 -5.96 8.50
C1 EDO M . 1.83 -20.77 -7.93
O1 EDO M . 1.83 -19.65 -7.04
C2 EDO M . 3.26 -21.24 -8.23
O2 EDO M . 4.23 -20.41 -7.54
C1 EDO N . -33.20 -19.95 2.21
O1 EDO N . -33.88 -20.61 3.28
C2 EDO N . -33.10 -18.43 2.51
O2 EDO N . -33.72 -18.12 3.77
C1 EDO O . -21.59 -6.38 -28.47
O1 EDO O . -22.93 -6.84 -28.34
C2 EDO O . -20.75 -7.39 -29.28
O2 EDO O . -21.55 -8.52 -29.67
MG MG P . 10.26 31.61 -0.43
C1 EDO Q . -2.75 45.42 -12.76
O1 EDO Q . -3.17 46.68 -13.28
C2 EDO Q . -2.33 45.54 -11.27
O2 EDO Q . -2.48 46.90 -10.81
#